data_9OUW
#
_entry.id   9OUW
#
_cell.length_a   1.00
_cell.length_b   1.00
_cell.length_c   1.00
_cell.angle_alpha   90.00
_cell.angle_beta   90.00
_cell.angle_gamma   90.00
#
_symmetry.space_group_name_H-M   'P 1'
#
_entity_poly.entity_id   1
_entity_poly.type   'polypeptide(L)'
_entity_poly.pdbx_seq_one_letter_code
;MSRVPSPPPPAEMSSGPVAESWCYTQIKVVKFSYMWTINNFSFCREEMGEVIKSSTFSSGANDKLKWCLRVNPKGLDEES
KDYLSLYLLLVSCPKSEVRAKFKFSILNAKGEETKAMESQRAYRFVQGKDWGFKKFIRRDFLLDEANGLLPDDKLTLFCE
VSVVQDSVNISGQNTMNMVKVPECRLADELGGLWENSRFTDCCLCVAGQEFQAHKAILAARSPVFSAMFEHEMEESKKNR
VEINDVEPEVFKEMMCFIYTGKAPNLDKMADDLLAAADKYALERLKVMCEDALCSNLSVENAAEILILADLHSADQLKTQ
AVDFINYHASDVLETSGWKSMVVSHPHLVAEAYRSLASAQCPFLGPPRKRLKQ
;
_entity_poly.pdbx_strand_id   A,B,H,D,F,I,J,L
#
# COMPACT_ATOMS: atom_id res chain seq x y z
N VAL A 30 -6.21 54.48 -26.95
CA VAL A 30 -5.23 53.48 -26.57
C VAL A 30 -5.91 52.13 -26.40
N LYS A 31 -6.24 51.49 -27.52
CA LYS A 31 -6.97 50.22 -27.51
C LYS A 31 -5.98 49.08 -27.75
N PHE A 32 -5.71 48.31 -26.70
CA PHE A 32 -4.85 47.15 -26.82
C PHE A 32 -5.64 45.96 -27.38
N SER A 33 -4.97 44.82 -27.49
CA SER A 33 -5.61 43.58 -27.90
C SER A 33 -4.72 42.43 -27.44
N TYR A 34 -5.29 41.24 -27.32
CA TYR A 34 -4.55 40.12 -26.78
C TYR A 34 -5.24 38.81 -27.15
N MET A 35 -4.51 37.94 -27.84
CA MET A 35 -4.98 36.60 -28.18
C MET A 35 -4.18 35.58 -27.40
N TRP A 36 -4.72 35.16 -26.27
CA TRP A 36 -3.98 34.40 -25.27
C TRP A 36 -4.53 32.97 -25.29
N THR A 37 -3.69 32.03 -25.70
CA THR A 37 -4.12 30.68 -26.05
C THR A 37 -3.52 29.66 -25.10
N ILE A 38 -4.33 28.72 -24.65
CA ILE A 38 -3.89 27.62 -23.78
C ILE A 38 -4.24 26.31 -24.47
N ASN A 39 -3.23 25.48 -24.72
CA ASN A 39 -3.45 24.16 -25.30
C ASN A 39 -3.50 23.10 -24.21
N ASN A 40 -3.96 21.92 -24.59
CA ASN A 40 -4.24 20.76 -23.72
C ASN A 40 -4.80 21.19 -22.37
N PHE A 41 -5.88 21.98 -22.43
CA PHE A 41 -6.45 22.60 -21.25
C PHE A 41 -7.09 21.59 -20.29
N SER A 42 -7.60 20.47 -20.80
CA SER A 42 -8.20 19.46 -19.93
C SER A 42 -7.20 18.87 -18.96
N PHE A 43 -5.93 18.81 -19.36
CA PHE A 43 -4.83 18.46 -18.46
C PHE A 43 -4.42 19.73 -17.73
N CYS A 44 -5.31 20.19 -16.85
CA CYS A 44 -5.25 21.54 -16.29
C CYS A 44 -4.22 21.69 -15.18
N ARG A 45 -3.60 20.60 -14.71
CA ARG A 45 -2.35 20.58 -13.95
C ARG A 45 -2.53 20.99 -12.49
N GLU A 46 -3.69 21.53 -12.08
CA GLU A 46 -3.86 21.76 -10.65
C GLU A 46 -5.34 21.84 -10.29
N GLU A 47 -5.60 21.83 -8.98
CA GLU A 47 -6.95 21.82 -8.43
C GLU A 47 -7.49 23.25 -8.34
N MET A 48 -8.62 23.44 -7.65
CA MET A 48 -9.27 24.74 -7.55
C MET A 48 -8.40 25.71 -6.77
N GLY A 49 -8.39 26.97 -7.22
CA GLY A 49 -7.79 28.05 -6.49
C GLY A 49 -6.38 28.45 -6.88
N GLU A 50 -6.04 28.35 -8.17
CA GLU A 50 -4.74 28.78 -8.65
C GLU A 50 -4.91 29.49 -10.00
N VAL A 51 -3.83 30.12 -10.44
CA VAL A 51 -3.86 31.04 -11.57
C VAL A 51 -2.85 30.62 -12.61
N ILE A 52 -3.28 30.60 -13.88
CA ILE A 52 -2.39 30.45 -15.02
C ILE A 52 -2.09 31.84 -15.56
N LYS A 53 -0.93 32.38 -15.20
CA LYS A 53 -0.58 33.75 -15.55
C LYS A 53 -0.07 33.81 -16.99
N SER A 54 -0.38 34.91 -17.67
CA SER A 54 0.07 35.13 -19.03
C SER A 54 1.36 35.95 -19.04
N SER A 55 1.85 36.22 -20.24
CA SER A 55 2.99 37.11 -20.40
C SER A 55 2.52 38.55 -20.56
N THR A 56 3.35 39.47 -20.10
CA THR A 56 3.00 40.89 -20.14
C THR A 56 2.95 41.39 -21.58
N PHE A 57 1.92 42.18 -21.89
CA PHE A 57 1.71 42.69 -23.23
C PHE A 57 1.41 44.18 -23.19
N SER A 58 1.69 44.85 -24.30
CA SER A 58 1.42 46.27 -24.48
C SER A 58 1.32 46.56 -25.95
N SER A 59 1.07 47.83 -26.27
CA SER A 59 1.09 48.29 -27.65
C SER A 59 2.45 48.90 -27.96
N GLY A 60 2.64 49.34 -29.20
CA GLY A 60 3.87 50.02 -29.56
C GLY A 60 4.03 51.34 -28.84
N ALA A 61 2.95 52.10 -28.71
CA ALA A 61 2.92 53.33 -27.93
C ALA A 61 1.88 53.17 -26.83
N ASN A 62 2.25 53.47 -25.59
CA ASN A 62 3.57 54.01 -25.25
C ASN A 62 4.58 52.93 -24.88
N ASP A 63 4.12 51.67 -24.90
CA ASP A 63 4.88 50.46 -24.55
C ASP A 63 5.37 50.48 -23.10
N LYS A 64 4.86 51.37 -22.26
CA LYS A 64 5.26 51.42 -20.86
C LYS A 64 4.19 50.83 -19.93
N LEU A 65 2.92 50.91 -20.29
CA LEU A 65 1.83 50.30 -19.55
C LEU A 65 1.80 48.82 -19.91
N LYS A 66 2.09 47.96 -18.94
CA LYS A 66 2.15 46.52 -19.14
C LYS A 66 0.97 45.85 -18.45
N TRP A 67 0.26 45.01 -19.19
CA TRP A 67 -0.88 44.26 -18.68
C TRP A 67 -0.64 42.77 -18.84
N CYS A 68 -1.38 41.97 -18.09
CA CYS A 68 -1.31 40.52 -18.22
C CYS A 68 -2.61 39.91 -17.76
N LEU A 69 -3.10 38.92 -18.50
CA LEU A 69 -4.32 38.22 -18.09
C LEU A 69 -3.99 37.18 -17.03
N ARG A 70 -4.96 36.88 -16.18
CA ARG A 70 -4.85 35.83 -15.18
C ARG A 70 -6.14 35.03 -15.20
N VAL A 71 -6.03 33.76 -15.58
CA VAL A 71 -7.19 32.88 -15.75
C VAL A 71 -7.04 31.70 -14.79
N ASN A 72 -8.07 31.47 -13.99
CA ASN A 72 -8.10 30.32 -13.09
C ASN A 72 -8.92 29.22 -13.75
N PRO A 73 -8.33 28.08 -14.10
CA PRO A 73 -9.10 27.03 -14.80
C PRO A 73 -10.28 26.51 -13.99
N LYS A 74 -10.15 26.46 -12.67
CA LYS A 74 -11.27 26.18 -11.80
C LYS A 74 -11.75 27.47 -11.15
N GLY A 75 -12.72 27.37 -10.26
CA GLY A 75 -13.24 28.55 -9.59
C GLY A 75 -12.21 29.19 -8.69
N LEU A 76 -12.17 30.52 -8.71
CA LEU A 76 -11.28 31.25 -7.81
C LEU A 76 -11.70 31.10 -6.36
N ASP A 77 -12.99 31.20 -6.09
CA ASP A 77 -13.52 31.22 -4.74
C ASP A 77 -14.58 30.12 -4.64
N GLU A 78 -14.93 29.75 -3.39
CA GLU A 78 -15.72 28.56 -3.14
C GLU A 78 -17.11 28.60 -3.79
N GLU A 79 -17.79 29.75 -3.78
CA GLU A 79 -19.10 29.79 -4.40
C GLU A 79 -19.00 29.80 -5.93
N SER A 80 -17.84 30.20 -6.48
CA SER A 80 -17.64 30.08 -7.91
C SER A 80 -17.47 28.63 -8.32
N LYS A 81 -16.46 27.96 -7.73
CA LYS A 81 -16.20 26.53 -7.88
C LYS A 81 -16.29 26.02 -9.31
N ASP A 82 -17.53 25.86 -9.80
CA ASP A 82 -17.79 25.45 -11.17
C ASP A 82 -17.88 26.72 -12.02
N TYR A 83 -16.70 27.31 -12.24
CA TYR A 83 -16.57 28.62 -12.86
C TYR A 83 -15.15 28.82 -13.37
N LEU A 84 -15.02 29.70 -14.35
CA LEU A 84 -13.76 29.99 -15.03
C LEU A 84 -13.50 31.49 -14.87
N SER A 85 -12.88 31.85 -13.75
CA SER A 85 -12.64 33.26 -13.45
C SER A 85 -11.50 33.80 -14.31
N LEU A 86 -11.59 35.08 -14.66
CA LEU A 86 -10.60 35.68 -15.56
C LEU A 86 -10.39 37.14 -15.19
N TYR A 87 -9.11 37.53 -15.09
CA TYR A 87 -8.74 38.83 -14.57
C TYR A 87 -7.73 39.49 -15.50
N LEU A 88 -7.66 40.82 -15.42
CA LEU A 88 -6.64 41.62 -16.06
C LEU A 88 -5.85 42.33 -14.98
N LEU A 89 -4.52 42.24 -15.05
CA LEU A 89 -3.63 42.77 -14.04
C LEU A 89 -2.66 43.75 -14.65
N LEU A 90 -2.47 44.89 -13.98
CA LEU A 90 -1.55 45.92 -14.43
C LEU A 90 -0.21 45.71 -13.73
N VAL A 91 0.79 45.27 -14.48
CA VAL A 91 2.07 44.94 -13.84
C VAL A 91 2.98 46.16 -13.81
N SER A 92 3.03 46.93 -14.89
CA SER A 92 3.90 48.11 -14.98
C SER A 92 3.08 49.30 -15.42
N CYS A 93 3.23 50.42 -14.72
CA CYS A 93 2.49 51.64 -15.02
C CYS A 93 3.34 52.88 -14.76
N PRO A 94 3.39 53.84 -15.69
CA PRO A 94 4.15 55.07 -15.42
C PRO A 94 3.44 56.02 -14.47
N LYS A 95 2.13 56.23 -14.67
CA LYS A 95 1.36 57.14 -13.85
C LYS A 95 1.06 56.52 -12.50
N SER A 96 0.39 57.30 -11.65
CA SER A 96 -0.04 56.76 -10.36
C SER A 96 -1.19 55.78 -10.52
N GLU A 97 -2.21 56.16 -11.29
CA GLU A 97 -3.49 55.46 -11.33
C GLU A 97 -4.05 55.57 -12.75
N VAL A 98 -4.56 54.46 -13.28
CA VAL A 98 -4.86 54.35 -14.70
C VAL A 98 -6.31 53.90 -14.89
N ARG A 99 -7.05 54.60 -15.73
CA ARG A 99 -8.43 54.25 -16.02
C ARG A 99 -8.49 53.42 -17.30
N ALA A 100 -9.18 52.27 -17.24
CA ALA A 100 -9.25 51.39 -18.40
C ALA A 100 -10.53 50.58 -18.39
N LYS A 101 -11.04 50.31 -19.58
CA LYS A 101 -12.20 49.44 -19.79
C LYS A 101 -11.74 48.19 -20.51
N PHE A 102 -11.96 47.03 -19.90
CA PHE A 102 -11.52 45.76 -20.46
C PHE A 102 -12.72 44.92 -20.89
N LYS A 103 -12.54 44.16 -21.96
CA LYS A 103 -13.57 43.28 -22.49
C LYS A 103 -12.94 41.96 -22.88
N PHE A 104 -13.37 40.89 -22.22
CA PHE A 104 -12.87 39.55 -22.50
C PHE A 104 -13.85 38.81 -23.41
N SER A 105 -13.32 37.83 -24.15
CA SER A 105 -14.12 37.00 -25.03
C SER A 105 -13.43 35.67 -25.23
N ILE A 106 -14.18 34.70 -25.75
CA ILE A 106 -13.65 33.37 -26.06
C ILE A 106 -13.89 33.13 -27.54
N LEU A 107 -12.84 32.71 -28.25
CA LEU A 107 -12.99 32.37 -29.66
C LEU A 107 -13.26 30.88 -29.81
N ASN A 108 -14.32 30.54 -30.53
CA ASN A 108 -14.82 29.18 -30.60
C ASN A 108 -14.07 28.38 -31.66
N ALA A 109 -14.59 27.20 -32.01
CA ALA A 109 -13.96 26.35 -33.01
C ALA A 109 -13.95 27.03 -34.38
N LYS A 110 -15.07 27.65 -34.77
CA LYS A 110 -15.11 28.43 -36.00
C LYS A 110 -14.19 29.66 -35.93
N GLY A 111 -14.13 30.34 -34.80
CA GLY A 111 -13.21 31.44 -34.61
C GLY A 111 -13.87 32.79 -34.39
N GLU A 112 -15.19 32.86 -34.31
CA GLU A 112 -15.85 34.14 -34.07
C GLU A 112 -15.85 34.48 -32.58
N GLU A 113 -16.19 35.73 -32.29
CA GLU A 113 -16.25 36.19 -30.91
C GLU A 113 -17.54 35.71 -30.25
N THR A 114 -17.41 34.84 -29.25
CA THR A 114 -18.55 34.29 -28.54
C THR A 114 -18.30 34.35 -27.04
N LYS A 115 -19.40 34.37 -26.28
CA LYS A 115 -19.38 34.52 -24.82
C LYS A 115 -18.63 35.79 -24.43
N ALA A 116 -18.83 36.84 -25.24
CA ALA A 116 -18.15 38.11 -25.06
C ALA A 116 -18.98 39.01 -24.17
N MET A 117 -18.46 39.34 -22.99
CA MET A 117 -19.10 40.29 -22.11
C MET A 117 -18.05 41.19 -21.49
N GLU A 118 -18.38 42.47 -21.37
CA GLU A 118 -17.42 43.52 -21.03
C GLU A 118 -17.72 44.08 -19.65
N SER A 119 -16.85 45.00 -19.21
CA SER A 119 -17.05 45.75 -17.99
C SER A 119 -17.41 47.18 -18.38
N GLN A 120 -18.67 47.57 -18.12
CA GLN A 120 -19.15 48.87 -18.55
C GLN A 120 -18.43 50.00 -17.84
N ARG A 121 -18.20 49.86 -16.53
CA ARG A 121 -17.49 50.87 -15.77
C ARG A 121 -16.02 50.93 -16.19
N ALA A 122 -15.46 52.14 -16.19
CA ALA A 122 -14.05 52.35 -16.46
C ALA A 122 -13.28 52.08 -15.17
N TYR A 123 -12.74 50.87 -15.05
CA TYR A 123 -12.12 50.45 -13.81
C TYR A 123 -10.78 51.13 -13.60
N ARG A 124 -10.40 51.21 -12.33
CA ARG A 124 -9.23 51.95 -11.89
C ARG A 124 -8.13 50.95 -11.54
N PHE A 125 -6.93 51.19 -12.04
CA PHE A 125 -5.82 50.26 -11.95
C PHE A 125 -4.63 50.92 -11.28
N VAL A 126 -3.97 50.17 -10.39
CA VAL A 126 -2.76 50.61 -9.71
C VAL A 126 -1.68 49.56 -9.95
N GLN A 127 -0.50 49.74 -9.35
CA GLN A 127 0.62 48.82 -9.52
C GLN A 127 0.25 47.48 -8.92
N GLY A 128 -0.06 46.50 -9.77
CA GLY A 128 -0.39 45.16 -9.32
C GLY A 128 -1.82 45.02 -8.85
N LYS A 129 -2.77 45.52 -9.65
CA LYS A 129 -4.19 45.44 -9.32
C LYS A 129 -4.90 44.61 -10.38
N ASP A 130 -5.69 43.64 -9.93
CA ASP A 130 -6.41 42.73 -10.82
C ASP A 130 -7.90 43.06 -10.81
N TRP A 131 -8.44 43.35 -11.99
CA TRP A 131 -9.87 43.61 -12.15
C TRP A 131 -10.39 42.68 -13.22
N GLY A 132 -11.62 42.17 -13.05
CA GLY A 132 -12.15 41.27 -14.05
C GLY A 132 -13.38 40.57 -13.56
N PHE A 133 -13.67 39.44 -14.20
CA PHE A 133 -14.93 38.73 -13.96
C PHE A 133 -14.64 37.38 -13.31
N LYS A 134 -15.11 37.22 -12.08
CA LYS A 134 -15.04 35.92 -11.44
C LYS A 134 -16.06 34.96 -12.03
N LYS A 135 -17.26 35.46 -12.34
CA LYS A 135 -18.33 34.67 -12.92
C LYS A 135 -18.33 34.90 -14.43
N PHE A 136 -17.29 34.39 -15.09
CA PHE A 136 -17.11 34.64 -16.51
C PHE A 136 -17.80 33.61 -17.39
N ILE A 137 -17.69 32.32 -17.07
CA ILE A 137 -18.38 31.26 -17.81
C ILE A 137 -18.44 30.01 -16.94
N ARG A 138 -19.55 29.27 -17.00
CA ARG A 138 -19.67 28.01 -16.30
C ARG A 138 -18.59 27.04 -16.79
N ARG A 139 -17.96 26.32 -15.86
CA ARG A 139 -17.02 25.28 -16.27
C ARG A 139 -17.73 24.17 -17.04
N ASP A 140 -18.91 23.76 -16.58
CA ASP A 140 -19.65 22.72 -17.26
C ASP A 140 -20.10 23.18 -18.65
N PHE A 141 -20.52 24.44 -18.78
CA PHE A 141 -20.93 24.97 -20.07
C PHE A 141 -19.74 25.07 -21.03
N LEU A 142 -18.55 25.26 -20.48
CA LEU A 142 -17.34 25.26 -21.31
C LEU A 142 -16.96 23.83 -21.70
N LEU A 143 -17.31 22.85 -20.87
CA LEU A 143 -16.80 21.49 -21.04
C LEU A 143 -17.62 20.63 -22.00
N ASP A 144 -18.72 21.12 -22.56
CA ASP A 144 -19.45 20.31 -23.54
C ASP A 144 -18.71 20.35 -24.88
N GLU A 145 -18.64 19.19 -25.55
CA GLU A 145 -18.05 19.16 -26.87
C GLU A 145 -19.00 19.72 -27.92
N ALA A 146 -20.30 19.74 -27.63
CA ALA A 146 -21.28 20.28 -28.57
C ALA A 146 -21.20 21.79 -28.70
N ASN A 147 -20.77 22.49 -27.64
CA ASN A 147 -20.67 23.94 -27.71
C ASN A 147 -19.55 24.39 -28.63
N GLY A 148 -18.46 23.63 -28.69
CA GLY A 148 -17.34 24.01 -29.52
C GLY A 148 -16.49 25.12 -28.97
N LEU A 149 -16.61 25.43 -27.68
CA LEU A 149 -15.83 26.47 -27.05
C LEU A 149 -14.46 26.00 -26.60
N LEU A 150 -14.16 24.71 -26.73
CA LEU A 150 -12.84 24.16 -26.41
C LEU A 150 -12.36 23.28 -27.56
N PRO A 151 -12.02 23.88 -28.70
CA PRO A 151 -11.60 23.07 -29.86
C PRO A 151 -10.18 22.56 -29.69
N ASP A 152 -10.00 21.25 -29.90
CA ASP A 152 -8.70 20.58 -29.87
C ASP A 152 -7.98 20.79 -28.53
N ASP A 153 -8.77 20.84 -27.45
CA ASP A 153 -8.26 21.11 -26.09
C ASP A 153 -7.52 22.44 -26.01
N LYS A 154 -7.87 23.39 -26.88
CA LYS A 154 -7.25 24.70 -26.92
C LYS A 154 -8.30 25.77 -26.72
N LEU A 155 -8.05 26.66 -25.76
CA LEU A 155 -8.93 27.79 -25.48
C LEU A 155 -8.23 29.09 -25.84
N THR A 156 -8.99 29.99 -26.49
CA THR A 156 -8.45 31.22 -27.07
C THR A 156 -9.19 32.42 -26.45
N LEU A 157 -8.56 33.01 -25.43
CA LEU A 157 -9.09 34.23 -24.83
C LEU A 157 -8.71 35.43 -25.68
N PHE A 158 -9.66 36.31 -25.93
CA PHE A 158 -9.43 37.54 -26.68
C PHE A 158 -9.77 38.70 -25.75
N CYS A 159 -8.76 39.44 -25.32
CA CYS A 159 -8.94 40.55 -24.41
C CYS A 159 -8.65 41.87 -25.12
N GLU A 160 -9.60 42.80 -25.05
CA GLU A 160 -9.44 44.13 -25.62
C GLU A 160 -9.62 45.13 -24.49
N VAL A 161 -8.57 45.89 -24.18
CA VAL A 161 -8.59 46.87 -23.11
C VAL A 161 -8.28 48.24 -23.69
N SER A 162 -9.14 49.21 -23.39
CA SER A 162 -9.02 50.58 -23.88
C SER A 162 -8.71 51.49 -22.70
N VAL A 163 -7.67 52.30 -22.84
CA VAL A 163 -7.23 53.23 -21.80
C VAL A 163 -7.72 54.63 -22.17
N VAL A 164 -8.42 55.27 -21.24
CA VAL A 164 -8.95 56.61 -21.48
C VAL A 164 -8.15 57.64 -20.70
N GLY B 16 -12.35 36.14 -35.73
CA GLY B 16 -11.07 36.20 -35.05
C GLY B 16 -10.17 37.31 -35.54
N PRO B 17 -10.37 38.52 -35.01
CA PRO B 17 -9.51 39.63 -35.40
C PRO B 17 -8.07 39.44 -34.93
N VAL B 18 -7.13 40.00 -35.69
CA VAL B 18 -5.73 39.84 -35.39
C VAL B 18 -5.35 40.72 -34.19
N ALA B 19 -4.81 40.09 -33.15
CA ALA B 19 -4.40 40.80 -31.95
C ALA B 19 -2.97 41.31 -32.12
N GLU B 20 -2.69 42.46 -31.48
CA GLU B 20 -1.36 43.03 -31.53
C GLU B 20 -0.34 42.13 -30.83
N SER B 21 -0.70 41.62 -29.66
CA SER B 21 0.18 40.73 -28.90
C SER B 21 -0.56 39.43 -28.59
N TRP B 22 0.18 38.33 -28.59
CA TRP B 22 -0.40 37.03 -28.29
C TRP B 22 0.51 36.27 -27.34
N CYS B 23 0.03 35.13 -26.86
CA CYS B 23 0.79 34.32 -25.92
C CYS B 23 0.30 32.89 -25.98
N TYR B 24 1.12 31.99 -26.52
CA TYR B 24 0.79 30.58 -26.65
C TYR B 24 1.42 29.83 -25.50
N THR B 25 0.59 29.36 -24.56
CA THR B 25 1.07 28.63 -23.39
C THR B 25 0.97 27.13 -23.65
N GLN B 26 2.06 26.41 -23.39
CA GLN B 26 2.12 24.98 -23.58
C GLN B 26 2.33 24.30 -22.24
N ILE B 27 1.31 23.60 -21.76
CA ILE B 27 1.44 22.72 -20.60
C ILE B 27 1.88 21.37 -21.15
N LYS B 28 3.18 21.09 -21.04
CA LYS B 28 3.75 19.91 -21.66
C LYS B 28 3.24 18.64 -21.00
N VAL B 29 2.79 17.70 -21.82
CA VAL B 29 2.34 16.39 -21.35
C VAL B 29 3.11 15.33 -22.12
N VAL B 30 3.44 14.23 -21.44
CA VAL B 30 4.07 13.07 -22.05
C VAL B 30 3.20 11.86 -21.75
N LYS B 31 3.26 10.86 -22.62
CA LYS B 31 2.38 9.70 -22.53
C LYS B 31 3.19 8.41 -22.57
N PHE B 32 3.05 7.60 -21.53
CA PHE B 32 3.61 6.25 -21.48
C PHE B 32 2.49 5.26 -21.70
N SER B 33 2.72 4.28 -22.57
CA SER B 33 1.81 3.17 -22.76
C SER B 33 2.49 1.87 -22.34
N TYR B 34 1.69 0.95 -21.79
CA TYR B 34 2.22 -0.26 -21.19
C TYR B 34 1.27 -1.40 -21.44
N MET B 35 1.81 -2.54 -21.86
CA MET B 35 1.04 -3.76 -22.02
C MET B 35 1.67 -4.84 -21.15
N TRP B 36 0.86 -5.49 -20.32
CA TRP B 36 1.35 -6.49 -19.38
C TRP B 36 0.57 -7.78 -19.59
N THR B 37 1.28 -8.89 -19.74
CA THR B 37 0.67 -10.19 -19.98
C THR B 37 1.08 -11.13 -18.87
N ILE B 38 0.12 -11.77 -18.22
CA ILE B 38 0.35 -12.77 -17.19
C ILE B 38 -0.21 -14.09 -17.70
N ASN B 39 0.65 -15.09 -17.84
CA ASN B 39 0.25 -16.39 -18.34
C ASN B 39 -0.12 -17.32 -17.19
N ASN B 40 -1.05 -18.24 -17.47
CA ASN B 40 -1.71 -19.12 -16.48
C ASN B 40 -2.01 -18.38 -15.18
N PHE B 41 -2.84 -17.34 -15.29
CA PHE B 41 -3.11 -16.45 -14.17
C PHE B 41 -3.84 -17.16 -13.03
N SER B 42 -4.58 -18.24 -13.34
CA SER B 42 -5.31 -18.96 -12.30
C SER B 42 -4.36 -19.61 -11.30
N PHE B 43 -3.13 -19.89 -11.70
CA PHE B 43 -2.10 -20.36 -10.78
C PHE B 43 -1.37 -19.18 -10.14
N CYS B 44 -2.16 -18.28 -9.54
CA CYS B 44 -1.58 -17.12 -8.86
C CYS B 44 -0.90 -17.53 -7.56
N ARG B 45 -1.25 -18.72 -7.05
CA ARG B 45 -0.46 -19.50 -6.09
C ARG B 45 -0.44 -18.93 -4.68
N GLU B 46 -0.96 -17.72 -4.47
CA GLU B 46 -0.99 -17.13 -3.14
C GLU B 46 -2.32 -16.43 -2.90
N GLU B 47 -2.60 -16.20 -1.62
CA GLU B 47 -3.85 -15.63 -1.14
C GLU B 47 -3.79 -14.11 -1.05
N MET B 48 -4.76 -13.54 -0.32
CA MET B 48 -4.82 -12.13 0.06
C MET B 48 -3.45 -11.54 0.38
N GLY B 49 -3.18 -10.35 -0.19
CA GLY B 49 -2.00 -9.58 0.10
C GLY B 49 -0.87 -9.82 -0.87
N GLU B 50 -0.93 -10.88 -1.66
CA GLU B 50 0.16 -11.18 -2.58
C GLU B 50 0.23 -10.13 -3.68
N VAL B 51 1.43 -9.60 -3.89
CA VAL B 51 1.69 -8.62 -4.92
C VAL B 51 2.60 -9.26 -5.97
N ILE B 52 2.14 -9.27 -7.22
CA ILE B 52 2.95 -9.69 -8.34
C ILE B 52 3.32 -8.42 -9.12
N LYS B 53 4.58 -8.01 -9.00
CA LYS B 53 5.02 -6.75 -9.57
C LYS B 53 5.22 -6.89 -11.07
N SER B 54 5.50 -5.77 -11.73
CA SER B 54 5.75 -5.76 -13.17
C SER B 54 7.14 -5.21 -13.41
N SER B 55 7.68 -5.54 -14.58
CA SER B 55 8.98 -5.01 -14.97
C SER B 55 8.91 -3.49 -15.14
N THR B 56 10.00 -2.82 -14.78
CA THR B 56 10.04 -1.36 -14.84
C THR B 56 9.98 -0.90 -16.29
N PHE B 57 9.14 0.09 -16.57
CA PHE B 57 8.91 0.57 -17.92
C PHE B 57 8.96 2.10 -17.96
N SER B 58 9.32 2.63 -19.13
CA SER B 58 9.42 4.06 -19.34
C SER B 58 9.43 4.33 -20.83
N SER B 59 9.48 5.61 -21.18
CA SER B 59 9.64 6.03 -22.57
C SER B 59 11.10 6.37 -22.85
N GLY B 60 11.38 6.63 -24.13
CA GLY B 60 12.73 7.03 -24.50
C GLY B 60 13.12 8.38 -23.93
N ALA B 61 12.19 9.31 -23.87
CA ALA B 61 12.40 10.62 -23.28
C ALA B 61 11.37 10.84 -22.18
N ASN B 62 11.82 11.29 -21.01
CA ASN B 62 13.23 11.59 -20.74
C ASN B 62 13.98 10.38 -20.21
N ASP B 63 13.25 9.27 -20.04
CA ASP B 63 13.74 7.99 -19.52
C ASP B 63 14.30 8.09 -18.11
N LYS B 64 14.01 9.18 -17.40
CA LYS B 64 14.36 9.30 -15.98
C LYS B 64 13.22 8.95 -15.06
N LEU B 65 11.99 8.89 -15.57
CA LEU B 65 10.81 8.49 -14.80
C LEU B 65 10.60 7.00 -15.00
N LYS B 66 10.69 6.24 -13.91
CA LYS B 66 10.59 4.79 -13.96
C LYS B 66 9.41 4.34 -13.11
N TRP B 67 8.39 3.80 -13.77
CA TRP B 67 7.18 3.27 -13.16
C TRP B 67 7.16 1.75 -13.24
N CYS B 68 6.19 1.16 -12.56
CA CYS B 68 5.87 -0.25 -12.71
C CYS B 68 4.43 -0.47 -12.28
N LEU B 69 3.84 -1.55 -12.77
CA LEU B 69 2.49 -1.92 -12.36
C LEU B 69 2.56 -2.91 -11.20
N ARG B 70 1.45 -3.01 -10.48
CA ARG B 70 1.34 -3.93 -9.34
C ARG B 70 -0.11 -4.35 -9.20
N VAL B 71 -0.36 -5.65 -9.11
CA VAL B 71 -1.71 -6.19 -9.05
C VAL B 71 -1.77 -7.23 -7.93
N ASN B 72 -2.82 -7.16 -7.11
CA ASN B 72 -3.08 -8.19 -6.12
C ASN B 72 -4.21 -9.07 -6.62
N PRO B 73 -3.95 -10.34 -6.94
CA PRO B 73 -4.99 -11.18 -7.57
C PRO B 73 -6.23 -11.39 -6.71
N LYS B 74 -6.07 -11.49 -5.39
CA LYS B 74 -7.23 -11.67 -4.52
C LYS B 74 -7.80 -10.33 -4.07
N GLY B 75 -6.94 -9.38 -3.71
CA GLY B 75 -7.40 -8.09 -3.25
C GLY B 75 -6.57 -7.54 -2.11
N LEU B 76 -6.72 -6.24 -1.83
CA LEU B 76 -5.91 -5.58 -0.82
C LEU B 76 -6.50 -5.66 0.57
N ASP B 77 -7.80 -5.37 0.74
CA ASP B 77 -8.39 -5.22 2.06
C ASP B 77 -9.71 -5.97 2.05
N GLU B 78 -10.34 -6.07 3.23
CA GLU B 78 -11.55 -6.89 3.41
C GLU B 78 -12.69 -6.46 2.48
N GLU B 79 -12.73 -5.18 2.10
CA GLU B 79 -13.74 -4.73 1.15
C GLU B 79 -13.52 -5.34 -0.23
N SER B 80 -12.31 -5.80 -0.52
CA SER B 80 -11.93 -6.27 -1.84
C SER B 80 -11.62 -7.77 -1.87
N LYS B 81 -12.44 -8.59 -1.22
CA LYS B 81 -12.31 -10.04 -1.37
C LYS B 81 -12.55 -10.51 -2.80
N ASP B 82 -13.63 -10.07 -3.43
CA ASP B 82 -14.00 -10.47 -4.77
C ASP B 82 -13.64 -9.38 -5.78
N TYR B 83 -12.60 -8.61 -5.49
CA TYR B 83 -12.21 -7.47 -6.31
C TYR B 83 -10.75 -7.61 -6.72
N LEU B 84 -10.49 -7.59 -8.01
CA LEU B 84 -9.13 -7.42 -8.50
C LEU B 84 -8.68 -6.00 -8.21
N SER B 85 -7.43 -5.84 -7.78
CA SER B 85 -6.88 -4.53 -7.46
C SER B 85 -5.63 -4.30 -8.32
N LEU B 86 -5.63 -3.20 -9.07
CA LEU B 86 -4.50 -2.82 -9.91
C LEU B 86 -3.98 -1.46 -9.47
N TYR B 87 -2.65 -1.35 -9.36
CA TYR B 87 -2.02 -0.14 -8.86
C TYR B 87 -0.87 0.26 -9.78
N LEU B 88 -0.53 1.55 -9.75
CA LEU B 88 0.60 2.09 -10.48
C LEU B 88 1.58 2.69 -9.49
N LEU B 89 2.85 2.28 -9.60
CA LEU B 89 3.88 2.68 -8.67
C LEU B 89 5.05 3.30 -9.42
N LEU B 90 5.49 4.47 -8.94
CA LEU B 90 6.66 5.16 -9.50
C LEU B 90 7.89 4.67 -8.74
N VAL B 91 8.67 3.81 -9.39
CA VAL B 91 9.78 3.18 -8.66
C VAL B 91 10.95 4.14 -8.52
N SER B 92 11.11 5.07 -9.46
CA SER B 92 12.17 6.08 -9.31
C SER B 92 11.87 7.29 -10.17
N CYS B 93 12.30 8.46 -9.67
CA CYS B 93 12.11 9.74 -10.35
C CYS B 93 13.12 10.74 -9.81
N PRO B 94 13.80 11.50 -10.67
CA PRO B 94 14.77 12.49 -10.17
C PRO B 94 14.12 13.71 -9.56
N LYS B 95 12.93 14.11 -10.04
CA LYS B 95 12.26 15.28 -9.51
C LYS B 95 11.66 14.98 -8.15
N SER B 96 11.29 16.04 -7.43
CA SER B 96 10.66 15.87 -6.12
C SER B 96 9.26 15.29 -6.27
N GLU B 97 8.53 15.69 -7.31
CA GLU B 97 7.16 15.24 -7.49
C GLU B 97 6.84 15.13 -8.98
N VAL B 98 5.87 14.27 -9.29
CA VAL B 98 5.36 14.08 -10.64
C VAL B 98 3.84 13.95 -10.55
N ARG B 99 3.13 14.73 -11.36
CA ARG B 99 1.68 14.59 -11.48
C ARG B 99 1.34 13.87 -12.78
N ALA B 100 0.50 12.85 -12.69
CA ALA B 100 0.14 12.03 -13.84
C ALA B 100 -1.28 11.53 -13.66
N LYS B 101 -1.92 11.26 -14.80
CA LYS B 101 -3.24 10.63 -14.86
C LYS B 101 -3.09 9.27 -15.52
N PHE B 102 -3.55 8.22 -14.86
CA PHE B 102 -3.40 6.86 -15.34
C PHE B 102 -4.76 6.26 -15.69
N LYS B 103 -4.76 5.38 -16.69
CA LYS B 103 -5.96 4.71 -17.17
C LYS B 103 -5.62 3.24 -17.41
N PHE B 104 -6.24 2.35 -16.65
CA PHE B 104 -6.06 0.92 -16.80
C PHE B 104 -7.21 0.32 -17.60
N SER B 105 -6.91 -0.76 -18.32
CA SER B 105 -7.90 -1.47 -19.10
C SER B 105 -7.51 -2.93 -19.19
N ILE B 106 -8.51 -3.78 -19.45
CA ILE B 106 -8.31 -5.21 -19.65
C ILE B 106 -8.77 -5.57 -21.05
N LEU B 107 -7.89 -6.19 -21.82
CA LEU B 107 -8.23 -6.61 -23.17
C LEU B 107 -8.96 -7.95 -23.11
N ASN B 108 -9.78 -8.20 -24.13
CA ASN B 108 -10.60 -9.39 -24.20
C ASN B 108 -9.92 -10.44 -25.09
N ALA B 109 -10.64 -11.53 -25.37
CA ALA B 109 -10.12 -12.55 -26.27
C ALA B 109 -9.96 -12.00 -27.68
N LYS B 110 -10.91 -11.18 -28.14
CA LYS B 110 -10.82 -10.57 -29.46
C LYS B 110 -9.80 -9.44 -29.52
N GLY B 111 -9.32 -8.95 -28.38
CA GLY B 111 -8.21 -8.02 -28.34
C GLY B 111 -8.56 -6.58 -28.05
N GLU B 112 -9.84 -6.21 -28.07
CA GLU B 112 -10.21 -4.82 -27.83
C GLU B 112 -10.34 -4.53 -26.33
N GLU B 113 -10.42 -3.25 -26.02
CA GLU B 113 -10.51 -2.81 -24.63
C GLU B 113 -11.85 -3.21 -24.03
N THR B 114 -11.83 -3.53 -22.73
CA THR B 114 -13.04 -3.92 -22.01
C THR B 114 -12.87 -3.51 -20.56
N LYS B 115 -13.91 -2.88 -20.00
CA LYS B 115 -13.91 -2.39 -18.62
C LYS B 115 -12.75 -1.42 -18.38
N ALA B 116 -12.48 -0.58 -19.37
CA ALA B 116 -11.49 0.47 -19.20
C ALA B 116 -12.03 1.56 -18.29
N MET B 117 -11.32 1.82 -17.20
CA MET B 117 -11.73 2.85 -16.26
C MET B 117 -10.51 3.65 -15.85
N GLU B 118 -10.68 4.97 -15.79
CA GLU B 118 -9.57 5.91 -15.72
C GLU B 118 -9.69 6.79 -14.49
N SER B 119 -8.64 7.57 -14.26
CA SER B 119 -8.55 8.48 -13.13
C SER B 119 -8.64 9.92 -13.65
N GLN B 120 -9.65 10.66 -13.18
CA GLN B 120 -9.81 12.04 -13.61
C GLN B 120 -8.76 12.95 -12.96
N ARG B 121 -8.50 12.75 -11.67
CA ARG B 121 -7.57 13.61 -10.96
C ARG B 121 -6.14 13.13 -11.16
N ALA B 122 -5.22 14.09 -11.36
CA ALA B 122 -3.80 13.80 -11.44
C ALA B 122 -3.21 13.80 -10.04
N TYR B 123 -2.69 12.65 -9.63
CA TYR B 123 -2.14 12.47 -8.29
C TYR B 123 -0.67 12.87 -8.24
N ARG B 124 -0.25 13.39 -7.09
CA ARG B 124 1.16 13.63 -6.84
C ARG B 124 1.86 12.30 -6.62
N PHE B 125 2.97 12.09 -7.33
CA PHE B 125 3.76 10.88 -7.20
C PHE B 125 5.12 11.20 -6.59
N VAL B 126 5.60 10.30 -5.75
CA VAL B 126 6.88 10.43 -5.06
C VAL B 126 7.56 9.08 -5.07
N GLN B 127 8.81 9.03 -4.61
CA GLN B 127 9.61 7.82 -4.60
C GLN B 127 8.96 6.73 -3.76
N GLY B 128 8.50 5.65 -4.42
CA GLY B 128 7.89 4.54 -3.70
C GLY B 128 6.47 4.79 -3.27
N LYS B 129 5.70 5.50 -4.10
CA LYS B 129 4.30 5.81 -3.82
C LYS B 129 3.42 5.20 -4.89
N ASP B 130 2.27 4.67 -4.49
CA ASP B 130 1.33 4.05 -5.41
C ASP B 130 -0.03 4.74 -5.36
N TRP B 131 -0.70 4.77 -6.52
CA TRP B 131 -2.08 5.25 -6.62
C TRP B 131 -2.79 4.37 -7.62
N GLY B 132 -3.90 3.75 -7.20
CA GLY B 132 -4.59 2.83 -8.07
C GLY B 132 -5.99 2.58 -7.56
N PHE B 133 -6.69 1.70 -8.28
CA PHE B 133 -8.08 1.39 -7.98
C PHE B 133 -8.15 0.05 -7.26
N LYS B 134 -8.52 0.08 -5.98
CA LYS B 134 -8.69 -1.16 -5.22
C LYS B 134 -9.84 -1.99 -5.78
N LYS B 135 -10.94 -1.34 -6.14
CA LYS B 135 -12.10 -2.02 -6.73
C LYS B 135 -12.04 -1.82 -8.23
N PHE B 136 -11.13 -2.56 -8.88
CA PHE B 136 -10.92 -2.41 -10.31
C PHE B 136 -11.91 -3.24 -11.13
N ILE B 137 -12.06 -4.51 -10.80
CA ILE B 137 -13.00 -5.39 -11.49
C ILE B 137 -13.35 -6.54 -10.55
N ARG B 138 -14.62 -6.94 -10.57
CA ARG B 138 -15.09 -8.06 -9.77
C ARG B 138 -14.33 -9.34 -10.14
N ARG B 139 -13.92 -10.10 -9.11
CA ARG B 139 -13.16 -11.32 -9.34
C ARG B 139 -13.99 -12.37 -10.07
N ASP B 140 -15.26 -12.52 -9.68
CA ASP B 140 -16.14 -13.47 -10.36
C ASP B 140 -16.43 -13.05 -11.80
N PHE B 141 -16.44 -11.74 -12.07
CA PHE B 141 -16.61 -11.26 -13.43
C PHE B 141 -15.43 -11.70 -14.30
N LEU B 142 -14.22 -11.60 -13.75
CA LEU B 142 -13.03 -12.00 -14.49
C LEU B 142 -12.96 -13.52 -14.66
N LEU B 143 -13.27 -14.26 -13.59
CA LEU B 143 -13.00 -15.69 -13.59
C LEU B 143 -13.98 -16.49 -14.43
N ASP B 144 -15.14 -15.95 -14.75
CA ASP B 144 -16.11 -16.69 -15.55
C ASP B 144 -15.68 -16.76 -17.01
N GLU B 145 -16.15 -17.79 -17.72
CA GLU B 145 -15.68 -18.03 -19.08
C GLU B 145 -16.44 -17.19 -20.10
N ALA B 146 -17.71 -16.85 -19.81
CA ALA B 146 -18.60 -16.27 -20.80
C ALA B 146 -18.12 -14.90 -21.30
N ASN B 147 -17.56 -14.07 -20.42
CA ASN B 147 -17.16 -12.72 -20.83
C ASN B 147 -15.93 -12.75 -21.73
N GLY B 148 -15.11 -13.79 -21.61
CA GLY B 148 -13.88 -13.86 -22.38
C GLY B 148 -12.78 -12.94 -21.91
N LEU B 149 -12.81 -12.50 -20.65
CA LEU B 149 -11.82 -11.59 -20.13
C LEU B 149 -10.55 -12.29 -19.66
N LEU B 150 -10.53 -13.63 -19.63
CA LEU B 150 -9.35 -14.40 -19.28
C LEU B 150 -9.13 -15.48 -20.33
N PRO B 151 -8.73 -15.09 -21.55
CA PRO B 151 -8.57 -16.08 -22.61
C PRO B 151 -7.27 -16.86 -22.47
N ASP B 152 -7.39 -18.20 -22.52
CA ASP B 152 -6.28 -19.13 -22.33
C ASP B 152 -5.52 -18.87 -21.04
N ASP B 153 -6.24 -18.48 -19.99
CA ASP B 153 -5.69 -18.18 -18.66
C ASP B 153 -4.65 -17.05 -18.73
N LYS B 154 -4.88 -16.09 -19.62
CA LYS B 154 -3.99 -14.95 -19.80
C LYS B 154 -4.73 -13.67 -19.47
N LEU B 155 -4.10 -12.81 -18.67
CA LEU B 155 -4.68 -11.53 -18.26
C LEU B 155 -3.78 -10.42 -18.77
N THR B 156 -4.23 -9.71 -19.81
CA THR B 156 -3.46 -8.62 -20.39
C THR B 156 -4.03 -7.30 -19.90
N LEU B 157 -3.19 -6.52 -19.21
CA LEU B 157 -3.55 -5.20 -18.71
C LEU B 157 -2.87 -4.13 -19.56
N PHE B 158 -3.65 -3.16 -20.01
CA PHE B 158 -3.13 -2.03 -20.77
C PHE B 158 -3.22 -0.78 -19.89
N CYS B 159 -2.06 -0.19 -19.61
CA CYS B 159 -1.99 0.99 -18.74
C CYS B 159 -1.45 2.16 -19.55
N GLU B 160 -2.24 3.22 -19.64
CA GLU B 160 -1.81 4.44 -20.32
C GLU B 160 -1.75 5.57 -19.31
N VAL B 161 -0.58 6.15 -19.11
CA VAL B 161 -0.39 7.21 -18.14
C VAL B 161 0.11 8.45 -18.86
N SER B 162 -0.27 9.61 -18.33
CA SER B 162 0.08 10.90 -18.92
C SER B 162 0.65 11.78 -17.82
N VAL B 163 1.90 12.16 -17.97
CA VAL B 163 2.60 13.00 -16.99
C VAL B 163 2.52 14.45 -17.46
N VAL B 164 2.03 15.33 -16.59
CA VAL B 164 1.93 16.73 -16.93
C VAL B 164 3.16 17.47 -16.40
N GLN B 165 3.62 18.45 -17.17
CA GLN B 165 4.79 19.23 -16.83
C GLN B 165 4.39 20.68 -16.60
N ASP B 166 5.37 21.50 -16.23
CA ASP B 166 5.12 22.91 -15.99
C ASP B 166 4.86 23.64 -17.30
N SER B 167 3.99 24.65 -17.24
CA SER B 167 3.62 25.39 -18.44
C SER B 167 4.75 26.34 -18.85
N VAL B 168 4.81 26.63 -20.15
CA VAL B 168 5.77 27.55 -20.73
C VAL B 168 5.04 28.47 -21.70
N ASN B 169 5.34 29.77 -21.62
CA ASN B 169 4.71 30.78 -22.46
C ASN B 169 5.73 31.24 -23.50
N ILE B 170 5.34 31.22 -24.77
CA ILE B 170 6.29 31.58 -25.83
C ILE B 170 6.25 33.09 -26.09
N SER B 171 5.10 33.72 -25.84
CA SER B 171 4.94 35.19 -25.83
C SER B 171 5.29 35.82 -27.18
N GLY B 172 4.63 35.37 -28.24
CA GLY B 172 4.87 35.95 -29.55
C GLY B 172 4.11 37.24 -29.73
N GLN B 173 4.77 38.24 -30.29
CA GLN B 173 4.19 39.55 -30.51
C GLN B 173 4.08 39.84 -32.00
N ASN B 174 2.96 40.45 -32.38
CA ASN B 174 2.66 40.72 -33.78
C ASN B 174 2.61 42.23 -34.00
N THR B 175 2.45 42.63 -35.25
CA THR B 175 2.39 44.03 -35.62
C THR B 175 1.10 44.67 -35.12
N GLY C 16 2.87 41.74 24.76
CA GLY C 16 3.33 42.51 23.61
C GLY C 16 4.33 41.76 22.75
N PRO C 17 3.87 41.18 21.66
CA PRO C 17 4.78 40.43 20.77
C PRO C 17 5.70 41.35 19.99
N VAL C 18 6.81 40.76 19.54
CA VAL C 18 7.85 41.48 18.82
C VAL C 18 8.02 40.86 17.45
N ALA C 19 8.38 41.69 16.47
CA ALA C 19 8.58 41.25 15.10
C ALA C 19 9.96 41.65 14.63
N GLU C 20 10.49 40.89 13.66
CA GLU C 20 11.83 41.16 13.15
C GLU C 20 11.83 42.26 12.10
N SER C 21 10.65 42.61 11.56
CA SER C 21 10.54 43.62 10.52
C SER C 21 9.39 44.56 10.82
N TRP C 22 9.58 45.83 10.47
CA TRP C 22 8.56 46.85 10.64
C TRP C 22 8.20 47.42 9.27
N CYS C 23 7.07 48.12 9.23
CA CYS C 23 6.67 48.92 8.07
C CYS C 23 5.75 50.03 8.59
N TYR C 24 6.31 51.21 8.77
CA TYR C 24 5.49 52.33 9.25
C TYR C 24 4.94 53.06 8.03
N THR C 25 3.78 52.65 7.56
CA THR C 25 3.15 53.32 6.43
C THR C 25 2.47 54.60 6.93
N GLN C 26 2.93 55.73 6.42
CA GLN C 26 2.40 57.04 6.83
C GLN C 26 1.65 57.65 5.66
N ILE C 27 0.39 58.01 5.90
CA ILE C 27 -0.46 58.61 4.88
C ILE C 27 -0.51 60.11 5.16
N LYS C 28 -0.12 60.91 4.18
CA LYS C 28 -0.09 62.35 4.33
C LYS C 28 -1.50 62.92 4.46
N VAL C 29 -1.62 64.02 5.18
CA VAL C 29 -2.91 64.66 5.40
C VAL C 29 -2.78 66.18 5.28
N SER C 167 0.96 58.03 0.65
CA SER C 167 1.32 56.90 1.48
C SER C 167 2.69 56.36 1.14
N VAL C 168 3.65 56.53 2.06
CA VAL C 168 5.01 56.06 1.88
C VAL C 168 5.31 55.06 3.00
N ASN C 169 6.22 54.13 2.72
CA ASN C 169 6.59 53.09 3.69
C ASN C 169 8.01 53.35 4.18
N ILE C 170 8.16 53.51 5.49
CA ILE C 170 9.49 53.70 6.07
C ILE C 170 10.29 52.41 5.99
N SER C 171 9.65 51.28 6.30
CA SER C 171 10.25 49.95 6.20
C SER C 171 11.50 49.80 7.07
N GLY C 172 11.44 50.29 8.30
CA GLY C 172 12.50 49.99 9.25
C GLY C 172 12.56 48.51 9.54
N GLN C 173 13.77 48.00 9.69
CA GLN C 173 13.99 46.58 9.92
C GLN C 173 14.80 46.38 11.20
N ASN C 174 14.29 45.53 12.08
CA ASN C 174 15.01 45.20 13.30
C ASN C 174 16.18 44.29 12.98
N THR C 175 17.30 44.53 13.65
CA THR C 175 18.49 43.71 13.45
C THR C 175 19.15 43.35 14.78
N GLY D 16 10.52 2.68 29.87
CA GLY D 16 11.63 3.19 29.09
C GLY D 16 12.34 2.11 28.30
N PRO D 17 11.83 1.81 27.10
CA PRO D 17 12.48 0.80 26.26
C PRO D 17 13.81 1.28 25.70
N VAL D 18 14.66 0.32 25.37
CA VAL D 18 15.96 0.59 24.77
C VAL D 18 15.94 0.06 23.35
N ALA D 19 16.26 0.91 22.39
CA ALA D 19 16.20 0.58 20.97
C ALA D 19 17.60 0.32 20.43
N GLU D 20 17.76 -0.81 19.73
CA GLU D 20 19.02 -1.08 19.06
C GLU D 20 19.28 -0.07 17.95
N SER D 21 18.26 0.29 17.17
CA SER D 21 18.38 1.30 16.14
C SER D 21 17.38 2.40 16.44
N TRP D 22 17.80 3.65 16.25
CA TRP D 22 16.90 4.78 16.48
C TRP D 22 17.04 5.73 15.31
N CYS D 23 15.96 6.40 14.96
CA CYS D 23 15.98 7.38 13.89
C CYS D 23 15.44 8.71 14.39
N TYR D 24 15.55 9.72 13.53
CA TYR D 24 15.06 11.07 13.84
C TYR D 24 14.76 11.76 12.52
N THR D 25 13.51 12.18 12.34
CA THR D 25 13.10 12.95 11.18
C THR D 25 12.71 14.34 11.66
N GLN D 26 13.37 15.35 11.12
CA GLN D 26 13.12 16.75 11.46
C GLN D 26 12.57 17.46 10.24
N ILE D 27 11.37 18.01 10.36
CA ILE D 27 10.77 18.82 9.30
C ILE D 27 11.08 20.27 9.62
N LYS D 28 11.78 20.94 8.72
CA LYS D 28 12.29 22.28 9.01
C LYS D 28 11.20 23.32 8.81
N VAL D 29 10.99 24.15 9.83
CA VAL D 29 10.03 25.25 9.78
C VAL D 29 10.80 26.54 10.01
N VAL D 30 10.58 27.53 9.15
CA VAL D 30 11.20 28.84 9.26
C VAL D 30 10.10 29.87 9.53
N LYS D 31 10.29 30.68 10.57
CA LYS D 31 9.26 31.60 11.04
C LYS D 31 9.70 33.04 10.75
N PHE D 32 8.93 33.73 9.92
CA PHE D 32 9.09 35.16 9.70
C PHE D 32 8.02 35.90 10.50
N SER D 33 8.39 37.08 11.01
CA SER D 33 7.46 37.92 11.76
C SER D 33 7.48 39.32 11.16
N TYR D 34 6.36 40.03 11.32
CA TYR D 34 6.15 41.31 10.63
C TYR D 34 5.20 42.16 11.46
N MET D 35 5.57 43.40 11.73
CA MET D 35 4.73 44.34 12.45
C MET D 35 4.49 45.55 11.56
N TRP D 36 3.26 45.69 11.07
CA TRP D 36 2.91 46.68 10.06
C TRP D 36 1.90 47.66 10.64
N THR D 37 2.31 48.92 10.78
CA THR D 37 1.46 49.96 11.34
C THR D 37 1.14 51.00 10.27
N ILE D 38 -0.14 51.36 10.16
CA ILE D 38 -0.60 52.36 9.20
C ILE D 38 -1.15 53.54 9.97
N ASN D 39 -0.48 54.68 9.87
CA ASN D 39 -0.86 55.88 10.61
C ASN D 39 -2.04 56.56 9.92
N ASN D 40 -2.84 57.25 10.73
CA ASN D 40 -4.11 57.89 10.37
C ASN D 40 -4.94 57.00 9.44
N PHE D 41 -5.30 55.83 9.98
CA PHE D 41 -5.98 54.81 9.18
C PHE D 41 -7.38 55.23 8.79
N SER D 42 -8.05 56.06 9.60
CA SER D 42 -9.41 56.48 9.30
C SER D 42 -9.49 57.28 8.00
N PHE D 43 -8.41 57.97 7.63
CA PHE D 43 -8.32 58.57 6.30
C PHE D 43 -7.83 57.50 5.31
N CYS D 44 -8.69 56.52 5.03
CA CYS D 44 -8.32 55.38 4.19
C CYS D 44 -8.08 55.78 2.74
N ARG D 45 -8.51 57.00 2.38
CA ARG D 45 -8.13 57.71 1.17
C ARG D 45 -8.80 57.13 -0.08
N GLU D 46 -9.42 55.96 0.03
CA GLU D 46 -10.06 55.30 -1.10
C GLU D 46 -11.20 54.42 -0.62
N GLU D 47 -12.08 54.10 -1.57
CA GLU D 47 -13.26 53.26 -1.34
C GLU D 47 -12.96 51.80 -1.64
N MET D 48 -14.03 51.01 -1.79
CA MET D 48 -13.97 49.58 -2.12
C MET D 48 -12.94 49.28 -3.20
N GLY D 49 -12.18 48.20 -2.98
CA GLY D 49 -11.20 47.74 -3.94
C GLY D 49 -9.79 48.24 -3.72
N GLU D 50 -9.59 49.19 -2.79
CA GLU D 50 -8.26 49.70 -2.53
C GLU D 50 -7.39 48.63 -1.87
N VAL D 51 -6.15 48.51 -2.34
CA VAL D 51 -5.17 47.62 -1.75
C VAL D 51 -3.98 48.46 -1.30
N ILE D 52 -3.70 48.44 -0.01
CA ILE D 52 -2.49 49.06 0.54
C ILE D 52 -1.46 47.95 0.68
N LYS D 53 -0.45 47.96 -0.18
CA LYS D 53 0.61 46.98 -0.08
C LYS D 53 1.59 47.37 1.04
N SER D 54 2.42 46.42 1.42
CA SER D 54 3.44 46.64 2.43
C SER D 54 4.80 46.34 1.85
N SER D 55 5.83 46.93 2.44
CA SER D 55 7.20 46.68 2.01
C SER D 55 7.58 45.23 2.27
N THR D 56 8.33 44.64 1.34
CA THR D 56 8.68 43.24 1.43
C THR D 56 9.57 42.97 2.64
N PHE D 57 9.33 41.85 3.30
CA PHE D 57 10.06 41.47 4.50
C PHE D 57 10.57 40.04 4.38
N SER D 58 11.67 39.76 5.07
CA SER D 58 12.27 38.44 5.07
C SER D 58 13.21 38.33 6.26
N SER D 59 13.60 37.10 6.58
CA SER D 59 14.62 36.87 7.59
C SER D 59 15.97 36.62 6.93
N GLY D 60 16.96 36.29 7.77
CA GLY D 60 18.28 35.98 7.25
C GLY D 60 18.31 34.72 6.42
N ALA D 61 17.53 33.72 6.79
CA ALA D 61 17.44 32.46 6.07
C ALA D 61 16.07 32.33 5.43
N ASN D 62 16.04 32.14 4.12
CA ASN D 62 17.25 32.06 3.30
C ASN D 62 17.50 33.40 2.62
N ASP D 63 16.70 34.40 2.97
CA ASP D 63 16.74 35.80 2.53
C ASP D 63 16.35 35.98 1.07
N LYS D 64 16.08 34.91 0.32
CA LYS D 64 15.52 35.03 -1.01
C LYS D 64 14.02 34.72 -1.06
N LEU D 65 13.39 34.57 0.10
CA LEU D 65 11.94 34.41 0.20
C LEU D 65 11.37 35.74 0.67
N LYS D 66 10.78 36.50 -0.24
CA LYS D 66 10.23 37.81 0.06
C LYS D 66 8.71 37.76 0.06
N TRP D 67 8.12 38.10 1.20
CA TRP D 67 6.67 38.16 1.39
C TRP D 67 6.25 39.60 1.58
N CYS D 68 4.96 39.87 1.37
CA CYS D 68 4.39 41.17 1.65
C CYS D 68 2.94 41.00 2.06
N LEU D 69 2.43 42.00 2.79
CA LEU D 69 1.05 42.01 3.26
C LEU D 69 0.23 42.97 2.40
N ARG D 70 -1.00 42.58 2.11
CA ARG D 70 -1.89 43.34 1.25
C ARG D 70 -3.27 43.41 1.90
N VAL D 71 -3.66 44.59 2.36
CA VAL D 71 -4.91 44.78 3.09
C VAL D 71 -5.88 45.56 2.20
N ASN D 72 -7.16 45.22 2.28
CA ASN D 72 -8.21 46.01 1.67
C ASN D 72 -9.01 46.67 2.78
N PRO D 73 -8.84 47.97 3.03
CA PRO D 73 -9.50 48.60 4.18
C PRO D 73 -11.02 48.54 4.13
N LYS D 74 -11.61 48.64 2.93
CA LYS D 74 -13.05 48.56 2.81
C LYS D 74 -13.51 47.12 2.69
N GLY D 75 -13.02 46.41 1.67
CA GLY D 75 -13.40 45.03 1.47
C GLY D 75 -13.10 44.57 0.07
N LEU D 76 -12.86 43.26 -0.06
CA LEU D 76 -12.57 42.68 -1.37
C LEU D 76 -13.83 42.62 -2.24
N ASP D 77 -14.94 42.19 -1.67
CA ASP D 77 -16.17 41.98 -2.44
C ASP D 77 -17.38 42.40 -1.60
N GLU D 78 -18.54 42.45 -2.26
CA GLU D 78 -19.75 43.02 -1.66
C GLU D 78 -20.28 42.19 -0.48
N GLU D 79 -19.87 40.94 -0.35
CA GLU D 79 -20.15 40.23 0.89
C GLU D 79 -19.31 40.78 2.04
N SER D 80 -18.19 41.44 1.72
CA SER D 80 -17.23 41.89 2.70
C SER D 80 -17.13 43.42 2.79
N LYS D 81 -18.23 44.15 2.57
CA LYS D 81 -18.17 45.61 2.70
C LYS D 81 -17.83 46.04 4.12
N ASP D 82 -18.46 45.41 5.11
CA ASP D 82 -18.22 45.71 6.50
C ASP D 82 -17.11 44.85 7.09
N TYR D 83 -16.29 44.23 6.25
CA TYR D 83 -15.24 43.32 6.68
C TYR D 83 -13.93 43.75 6.04
N LEU D 84 -13.02 44.29 6.84
CA LEU D 84 -11.65 44.52 6.39
C LEU D 84 -10.99 43.18 6.08
N SER D 85 -10.34 43.09 4.93
CA SER D 85 -9.73 41.85 4.49
C SER D 85 -8.21 42.02 4.42
N LEU D 86 -7.49 41.07 4.99
CA LEU D 86 -6.04 41.09 5.04
C LEU D 86 -5.51 39.86 4.31
N TYR D 87 -4.53 40.07 3.42
CA TYR D 87 -3.98 39.01 2.60
C TYR D 87 -2.46 38.97 2.75
N LEU D 88 -1.91 37.76 2.66
CA LEU D 88 -0.47 37.56 2.61
C LEU D 88 -0.07 37.19 1.19
N LEU D 89 0.88 37.93 0.63
CA LEU D 89 1.33 37.74 -0.74
C LEU D 89 2.81 37.42 -0.74
N LEU D 90 3.17 36.35 -1.45
CA LEU D 90 4.57 35.97 -1.62
C LEU D 90 5.05 36.54 -2.95
N VAL D 91 5.83 37.63 -2.88
CA VAL D 91 6.24 38.30 -4.10
C VAL D 91 7.45 37.60 -4.72
N SER D 92 8.44 37.23 -3.91
CA SER D 92 9.65 36.61 -4.46
C SER D 92 9.89 35.26 -3.81
N CYS D 93 10.20 34.26 -4.65
CA CYS D 93 10.50 32.91 -4.19
C CYS D 93 11.39 32.21 -5.21
N PRO D 94 12.47 31.56 -4.77
CA PRO D 94 13.34 30.87 -5.74
C PRO D 94 12.76 29.55 -6.24
N LYS D 95 12.20 28.74 -5.36
CA LYS D 95 11.72 27.42 -5.75
C LYS D 95 10.38 27.54 -6.49
N SER D 96 10.00 26.44 -7.13
CA SER D 96 8.71 26.41 -7.82
C SER D 96 7.55 26.45 -6.83
N GLU D 97 7.70 25.78 -5.69
CA GLU D 97 6.62 25.63 -4.72
C GLU D 97 7.11 25.97 -3.32
N VAL D 98 6.32 26.76 -2.60
CA VAL D 98 6.58 27.12 -1.21
C VAL D 98 5.31 26.87 -0.41
N ARG D 99 5.43 26.13 0.69
CA ARG D 99 4.30 25.81 1.55
C ARG D 99 4.49 26.49 2.90
N ALA D 100 3.46 27.22 3.34
CA ALA D 100 3.55 27.99 4.57
C ALA D 100 2.18 28.10 5.22
N LYS D 101 2.20 28.43 6.51
CA LYS D 101 1.01 28.69 7.31
C LYS D 101 1.14 30.05 7.96
N PHE D 102 0.11 30.88 7.85
CA PHE D 102 0.17 32.27 8.27
C PHE D 102 -0.77 32.52 9.44
N LYS D 103 -0.39 33.47 10.31
CA LYS D 103 -1.20 33.90 11.43
C LYS D 103 -1.18 35.42 11.48
N PHE D 104 -2.36 36.03 11.34
CA PHE D 104 -2.53 37.47 11.43
C PHE D 104 -3.10 37.82 12.80
N SER D 105 -2.74 39.00 13.30
CA SER D 105 -3.26 39.50 14.57
C SER D 105 -3.21 41.02 14.57
N ILE D 106 -3.96 41.61 15.48
CA ILE D 106 -3.99 43.06 15.64
C ILE D 106 -3.62 43.39 17.09
N LEU D 107 -2.79 44.41 17.25
CA LEU D 107 -2.33 44.86 18.55
C LEU D 107 -3.19 46.02 19.02
N ASN D 108 -3.75 45.88 20.22
CA ASN D 108 -4.65 46.87 20.79
C ASN D 108 -3.85 48.00 21.43
N ALA D 109 -4.53 48.84 22.21
CA ALA D 109 -3.90 50.00 22.82
C ALA D 109 -2.82 49.58 23.82
N LYS D 110 -3.13 48.58 24.66
CA LYS D 110 -2.14 48.08 25.61
C LYS D 110 -0.97 47.36 24.92
N GLY D 111 -1.25 46.59 23.86
CA GLY D 111 -0.22 45.88 23.15
C GLY D 111 -0.45 44.40 22.99
N GLU D 112 -1.50 43.84 23.59
CA GLU D 112 -1.80 42.43 23.43
C GLU D 112 -2.40 42.18 22.05
N GLU D 113 -2.24 40.95 21.58
CA GLU D 113 -2.87 40.54 20.33
C GLU D 113 -4.38 40.47 20.50
N THR D 114 -5.12 40.83 19.46
CA THR D 114 -6.57 40.83 19.51
C THR D 114 -7.10 40.43 18.14
N LYS D 115 -8.12 39.57 18.14
CA LYS D 115 -8.64 38.93 16.92
C LYS D 115 -7.53 38.21 16.17
N ALA D 116 -6.68 37.51 16.91
CA ALA D 116 -5.65 36.69 16.29
C ALA D 116 -6.28 35.41 15.73
N MET D 117 -6.27 35.28 14.41
CA MET D 117 -6.87 34.13 13.75
C MET D 117 -5.80 33.48 12.87
N GLU D 118 -5.81 32.16 12.83
CA GLU D 118 -4.70 31.39 12.29
C GLU D 118 -5.14 30.62 11.05
N SER D 119 -4.16 29.97 10.42
CA SER D 119 -4.38 29.07 9.31
C SER D 119 -4.19 27.64 9.77
N GLN D 120 -5.22 26.81 9.61
CA GLN D 120 -5.09 25.40 9.97
C GLN D 120 -4.27 24.63 8.95
N ARG D 121 -4.43 24.94 7.66
CA ARG D 121 -3.70 24.26 6.61
C ARG D 121 -2.40 24.99 6.29
N ALA D 122 -1.49 24.26 5.66
CA ALA D 122 -0.28 24.85 5.09
C ALA D 122 -0.50 25.02 3.59
N TYR D 123 -0.96 26.20 3.19
CA TYR D 123 -1.27 26.46 1.79
C TYR D 123 -0.01 26.51 0.93
N ARG D 124 -0.17 26.14 -0.33
CA ARG D 124 0.88 26.20 -1.34
C ARG D 124 0.97 27.61 -1.90
N PHE D 125 2.15 28.20 -1.82
CA PHE D 125 2.39 29.54 -2.34
C PHE D 125 3.27 29.49 -3.58
N VAL D 126 3.12 30.50 -4.44
CA VAL D 126 3.88 30.64 -5.67
C VAL D 126 4.12 32.13 -5.89
N GLN D 127 4.93 32.44 -6.91
CA GLN D 127 5.19 33.84 -7.26
C GLN D 127 3.90 34.56 -7.60
N GLY D 128 3.62 35.63 -6.87
CA GLY D 128 2.41 36.41 -7.08
C GLY D 128 1.13 35.69 -6.74
N LYS D 129 1.09 34.98 -5.62
CA LYS D 129 -0.11 34.30 -5.15
C LYS D 129 -0.42 34.76 -3.73
N ASP D 130 -1.70 35.02 -3.47
CA ASP D 130 -2.14 35.51 -2.17
C ASP D 130 -3.12 34.52 -1.52
N TRP D 131 -2.89 34.24 -0.25
CA TRP D 131 -3.80 33.43 0.56
C TRP D 131 -4.04 34.18 1.86
N GLY D 132 -5.29 34.50 2.15
CA GLY D 132 -5.60 35.28 3.33
C GLY D 132 -7.06 35.16 3.71
N PHE D 133 -7.41 35.86 4.77
CA PHE D 133 -8.77 35.81 5.32
C PHE D 133 -9.54 37.03 4.84
N LYS D 134 -10.45 36.82 3.89
CA LYS D 134 -11.37 37.87 3.50
C LYS D 134 -12.29 38.26 4.66
N LYS D 135 -12.75 37.27 5.41
CA LYS D 135 -13.60 37.49 6.59
C LYS D 135 -12.69 37.66 7.80
N PHE D 136 -12.00 38.80 7.87
CA PHE D 136 -10.98 38.99 8.89
C PHE D 136 -11.49 39.72 10.11
N ILE D 137 -12.07 40.93 9.95
CA ILE D 137 -12.52 41.71 11.09
C ILE D 137 -13.66 42.61 10.66
N ARG D 138 -14.65 42.74 11.54
CA ARG D 138 -15.75 43.69 11.34
C ARG D 138 -15.21 45.12 11.22
N ARG D 139 -15.75 45.87 10.27
CA ARG D 139 -15.38 47.27 10.13
C ARG D 139 -15.82 48.08 11.34
N ASP D 140 -17.06 47.88 11.79
CA ASP D 140 -17.59 48.64 12.92
C ASP D 140 -16.86 48.30 14.21
N PHE D 141 -16.46 47.04 14.37
CA PHE D 141 -15.65 46.66 15.52
C PHE D 141 -14.29 47.36 15.50
N LEU D 142 -13.77 47.61 14.30
CA LEU D 142 -12.47 48.26 14.17
C LEU D 142 -12.56 49.75 14.46
N LEU D 143 -13.58 50.44 13.94
CA LEU D 143 -13.63 51.89 14.07
C LEU D 143 -14.04 52.34 15.47
N ASP D 144 -14.67 51.46 16.24
CA ASP D 144 -15.16 51.87 17.55
C ASP D 144 -13.98 52.10 18.48
N GLU D 145 -13.98 53.25 19.17
CA GLU D 145 -12.85 53.63 19.99
C GLU D 145 -12.81 52.86 21.30
N ALA D 146 -13.98 52.43 21.80
CA ALA D 146 -14.03 51.73 23.07
C ALA D 146 -13.37 50.35 22.97
N ASN D 147 -13.29 49.81 21.76
CA ASN D 147 -12.63 48.52 21.56
C ASN D 147 -11.12 48.66 21.67
N GLY D 148 -10.59 49.84 21.34
CA GLY D 148 -9.16 50.08 21.42
C GLY D 148 -8.35 49.48 20.30
N LEU D 149 -8.98 49.01 19.22
CA LEU D 149 -8.24 48.36 18.14
C LEU D 149 -7.66 49.37 17.16
N LEU D 150 -7.98 50.65 17.34
CA LEU D 150 -7.40 51.68 16.48
C LEU D 150 -6.79 52.78 17.35
N PRO D 151 -5.67 52.52 18.03
CA PRO D 151 -5.12 53.53 18.93
C PRO D 151 -4.35 54.60 18.15
N ASP D 152 -4.71 55.86 18.39
CA ASP D 152 -4.13 57.02 17.72
C ASP D 152 -4.24 56.91 16.20
N ASP D 153 -5.35 56.31 15.73
CA ASP D 153 -5.64 56.05 14.32
C ASP D 153 -4.60 55.19 13.63
N LYS D 154 -3.86 54.36 14.37
CA LYS D 154 -2.81 53.51 13.83
C LYS D 154 -3.25 52.06 13.91
N LEU D 155 -3.41 51.42 12.75
CA LEU D 155 -3.77 50.01 12.69
C LEU D 155 -2.49 49.18 12.70
N THR D 156 -2.21 48.52 13.83
CA THR D 156 -0.98 47.76 13.99
C THR D 156 -1.22 46.27 13.76
N LEU D 157 -1.22 45.90 12.48
CA LEU D 157 -1.29 44.49 12.13
C LEU D 157 0.03 43.81 12.45
N PHE D 158 -0.01 42.49 12.63
CA PHE D 158 1.15 41.73 13.06
C PHE D 158 0.99 40.30 12.60
N CYS D 159 1.88 39.88 11.70
CA CYS D 159 1.75 38.60 11.01
C CYS D 159 2.98 37.74 11.25
N GLU D 160 2.78 36.44 11.34
CA GLU D 160 3.88 35.47 11.41
C GLU D 160 3.58 34.31 10.49
N VAL D 161 4.57 33.94 9.68
CA VAL D 161 4.44 32.87 8.70
C VAL D 161 5.47 31.80 9.00
N SER D 162 5.02 30.55 9.07
CA SER D 162 5.89 29.39 9.25
C SER D 162 5.90 28.64 7.92
N VAL D 163 7.03 28.68 7.23
CA VAL D 163 7.18 27.96 5.97
C VAL D 163 7.84 26.62 6.27
N VAL D 164 7.27 25.54 5.75
CA VAL D 164 7.75 24.19 5.98
C VAL D 164 8.64 23.78 4.83
N GLN D 165 9.70 23.03 5.13
CA GLN D 165 10.60 22.48 4.14
C GLN D 165 10.55 20.95 4.20
N ASP D 166 11.20 20.32 3.22
CA ASP D 166 11.25 18.86 3.19
C ASP D 166 12.09 18.34 4.34
N SER D 167 11.66 17.22 4.92
CA SER D 167 12.32 16.67 6.09
C SER D 167 13.57 15.89 5.70
N VAL D 168 14.47 15.72 6.67
CA VAL D 168 15.70 14.96 6.50
C VAL D 168 15.80 13.97 7.65
N ASN D 169 16.29 12.76 7.36
CA ASN D 169 16.40 11.70 8.35
C ASN D 169 17.82 11.65 8.89
N ILE D 170 17.97 11.78 10.21
CA ILE D 170 19.30 11.74 10.81
C ILE D 170 19.90 10.34 10.71
N SER D 171 19.05 9.31 10.85
CA SER D 171 19.42 7.91 10.64
C SER D 171 20.51 7.44 11.61
N GLY D 172 20.22 7.56 12.90
CA GLY D 172 21.18 7.09 13.90
C GLY D 172 21.18 5.58 14.03
N GLN D 173 22.08 5.09 14.87
CA GLN D 173 22.22 3.66 15.16
C GLN D 173 23.10 3.53 16.39
N ASN D 174 22.70 2.65 17.31
CA ASN D 174 23.45 2.44 18.54
C ASN D 174 23.76 0.96 18.71
N THR D 175 24.66 0.67 19.63
CA THR D 175 25.04 -0.71 19.94
C THR D 175 25.53 -0.81 21.39
N GLY E 16 -7.24 -2.82 -30.77
CA GLY E 16 -5.83 -3.13 -30.83
C GLY E 16 -4.95 -1.95 -30.47
N PRO E 17 -4.67 -1.79 -29.17
CA PRO E 17 -3.83 -0.66 -28.73
C PRO E 17 -2.35 -0.98 -28.80
N VAL E 18 -1.58 -0.13 -29.50
CA VAL E 18 -0.14 -0.32 -29.57
C VAL E 18 0.51 0.30 -28.35
N ALA E 19 1.33 -0.48 -27.66
CA ALA E 19 1.98 -0.05 -26.42
C ALA E 19 3.47 0.10 -26.67
N GLU E 20 4.05 1.20 -26.15
CA GLU E 20 5.49 1.40 -26.25
C GLU E 20 6.24 0.35 -25.44
N SER E 21 5.76 0.04 -24.24
CA SER E 21 6.42 -0.91 -23.38
C SER E 21 5.55 -2.15 -23.18
N TRP E 22 6.19 -3.31 -23.23
CA TRP E 22 5.52 -4.59 -23.00
C TRP E 22 6.13 -5.28 -21.80
N CYS E 23 5.47 -6.34 -21.37
CA CYS E 23 5.97 -7.21 -20.31
C CYS E 23 5.31 -8.56 -20.46
N TYR E 24 5.91 -9.58 -19.84
CA TYR E 24 5.36 -10.93 -19.87
C TYR E 24 5.81 -11.63 -18.60
N THR E 25 4.87 -11.86 -17.69
CA THR E 25 5.14 -12.59 -16.45
C THR E 25 4.65 -14.02 -16.63
N GLN E 26 5.58 -14.95 -16.83
CA GLN E 26 5.26 -16.35 -17.04
C GLN E 26 5.48 -17.12 -15.74
N ILE E 27 4.41 -17.71 -15.22
CA ILE E 27 4.48 -18.60 -14.07
C ILE E 27 4.54 -20.02 -14.60
N LYS E 28 5.63 -20.73 -14.29
CA LYS E 28 5.87 -22.04 -14.86
C LYS E 28 5.20 -23.12 -14.01
N VAL E 29 4.38 -23.93 -14.66
CA VAL E 29 3.69 -25.05 -14.02
C VAL E 29 4.26 -26.35 -14.57
N VAL E 30 4.58 -27.27 -13.67
CA VAL E 30 5.12 -28.57 -14.05
C VAL E 30 4.07 -29.63 -13.72
N LYS E 31 3.72 -30.44 -14.71
CA LYS E 31 2.62 -31.40 -14.58
C LYS E 31 3.16 -32.82 -14.55
N PHE E 32 2.93 -33.51 -13.44
CA PHE E 32 3.17 -34.93 -13.31
C PHE E 32 1.85 -35.67 -13.45
N SER E 33 1.88 -36.85 -14.07
CA SER E 33 0.70 -37.69 -14.21
C SER E 33 1.05 -39.10 -13.78
N TYR E 34 0.08 -39.82 -13.25
CA TYR E 34 0.31 -41.11 -12.58
C TYR E 34 -0.90 -42.00 -12.77
N MET E 35 -0.68 -43.22 -13.27
CA MET E 35 -1.72 -44.23 -13.39
C MET E 35 -1.33 -45.42 -12.51
N TRP E 36 -2.14 -45.69 -11.50
CA TRP E 36 -1.82 -46.67 -10.47
C TRP E 36 -2.95 -47.69 -10.39
N THR E 37 -2.66 -48.94 -10.75
CA THR E 37 -3.65 -50.01 -10.76
C THR E 37 -3.34 -51.00 -9.66
N ILE E 38 -4.35 -51.36 -8.88
CA ILE E 38 -4.22 -52.31 -7.77
C ILE E 38 -5.05 -53.53 -8.10
N ASN E 39 -4.39 -54.60 -8.55
CA ASN E 39 -5.09 -55.84 -8.84
C ASN E 39 -5.45 -56.55 -7.53
N ASN E 40 -6.52 -57.35 -7.60
CA ASN E 40 -7.08 -58.08 -6.45
C ASN E 40 -7.41 -57.12 -5.31
N PHE E 41 -8.21 -56.10 -5.66
CA PHE E 41 -8.56 -55.06 -4.71
C PHE E 41 -9.52 -55.52 -3.63
N SER E 42 -10.45 -56.41 -3.96
CA SER E 42 -11.42 -56.88 -2.97
C SER E 42 -10.75 -57.59 -1.80
N PHE E 43 -9.63 -58.27 -2.03
CA PHE E 43 -8.81 -58.83 -0.97
C PHE E 43 -7.82 -57.79 -0.46
N CYS E 44 -8.38 -56.70 0.11
CA CYS E 44 -7.55 -55.62 0.64
C CYS E 44 -6.77 -56.03 1.88
N ARG E 45 -7.12 -57.17 2.49
CA ARG E 45 -6.30 -57.90 3.45
C ARG E 45 -6.21 -57.24 4.82
N GLU E 46 -6.70 -56.02 4.97
CA GLU E 46 -6.64 -55.31 6.25
C GLU E 46 -7.88 -54.45 6.45
N GLU E 47 -8.12 -54.12 7.71
CA GLU E 47 -9.29 -53.36 8.14
C GLU E 47 -8.92 -51.88 8.18
N MET E 48 -9.67 -51.02 8.86
CA MET E 48 -9.40 -49.59 8.96
C MET E 48 -7.95 -49.29 9.35
N GLY E 49 -7.40 -48.23 8.75
CA GLY E 49 -6.07 -47.78 9.05
C GLY E 49 -5.00 -48.19 8.06
N GLU E 50 -5.28 -49.20 7.24
CA GLU E 50 -4.28 -49.71 6.31
C GLU E 50 -3.95 -48.68 5.24
N VAL E 51 -2.65 -48.51 4.98
CA VAL E 51 -2.17 -47.63 3.92
C VAL E 51 -1.42 -48.48 2.91
N ILE E 52 -1.76 -48.32 1.65
CA ILE E 52 -1.06 -48.97 0.55
C ILE E 52 -0.25 -47.91 -0.17
N LYS E 53 1.05 -47.85 0.11
CA LYS E 53 1.89 -46.89 -0.58
C LYS E 53 2.15 -47.32 -2.01
N SER E 54 2.33 -46.34 -2.88
CA SER E 54 2.65 -46.58 -4.28
C SER E 54 4.13 -46.30 -4.52
N SER E 55 4.62 -46.81 -5.64
CA SER E 55 6.01 -46.54 -6.03
C SER E 55 6.18 -45.07 -6.38
N THR E 56 7.31 -44.51 -5.97
CA THR E 56 7.55 -43.08 -6.18
C THR E 56 7.68 -42.77 -7.66
N PHE E 57 7.07 -41.66 -8.07
CA PHE E 57 7.05 -41.25 -9.47
C PHE E 57 7.49 -39.79 -9.59
N SER E 58 8.00 -39.43 -10.76
CA SER E 58 8.44 -38.08 -11.03
C SER E 58 8.51 -37.87 -12.53
N SER E 59 8.57 -36.60 -12.92
CA SER E 59 8.82 -36.21 -14.31
C SER E 59 10.22 -35.62 -14.42
N GLY E 60 10.70 -35.54 -15.65
CA GLY E 60 12.05 -35.05 -15.89
C GLY E 60 12.21 -33.55 -15.75
N ALA E 61 11.95 -33.02 -14.55
CA ALA E 61 12.18 -31.62 -14.22
C ALA E 61 13.01 -31.59 -12.93
N ASN E 62 14.34 -31.69 -13.11
CA ASN E 62 15.38 -31.72 -12.07
C ASN E 62 15.36 -33.04 -11.30
N ASP E 63 14.33 -33.86 -11.52
CA ASP E 63 14.26 -35.26 -11.09
C ASP E 63 14.59 -35.45 -9.61
N LYS E 64 14.16 -34.53 -8.76
CA LYS E 64 14.31 -34.69 -7.32
C LYS E 64 12.96 -34.59 -6.60
N LEU E 65 11.93 -34.07 -7.27
CA LEU E 65 10.58 -34.03 -6.74
C LEU E 65 9.96 -35.41 -6.92
N LYS E 66 10.09 -36.26 -5.92
CA LYS E 66 9.51 -37.59 -5.92
C LYS E 66 8.22 -37.58 -5.10
N TRP E 67 7.12 -37.98 -5.74
CA TRP E 67 5.80 -38.05 -5.14
C TRP E 67 5.36 -39.51 -5.03
N CYS E 68 4.40 -39.77 -4.16
CA CYS E 68 3.79 -41.08 -4.05
C CYS E 68 2.35 -40.92 -3.58
N LEU E 69 1.54 -41.94 -3.83
CA LEU E 69 0.12 -41.94 -3.51
C LEU E 69 -0.15 -42.93 -2.38
N ARG E 70 -0.82 -42.46 -1.33
CA ARG E 70 -1.23 -43.31 -0.22
C ARG E 70 -2.74 -43.45 -0.26
N VAL E 71 -3.22 -44.68 -0.32
CA VAL E 71 -4.66 -44.97 -0.31
C VAL E 71 -4.99 -45.76 0.95
N ASN E 72 -6.10 -45.41 1.59
CA ASN E 72 -6.66 -46.23 2.66
C ASN E 72 -7.95 -46.86 2.14
N PRO E 73 -7.96 -48.16 1.84
CA PRO E 73 -9.17 -48.76 1.25
C PRO E 73 -10.37 -48.75 2.18
N LYS E 74 -10.16 -48.60 3.48
CA LYS E 74 -11.27 -48.53 4.44
C LYS E 74 -11.53 -47.07 4.81
N GLY E 75 -10.52 -46.39 5.32
CA GLY E 75 -10.67 -44.99 5.68
C GLY E 75 -9.80 -44.64 6.86
N LEU E 76 -9.67 -43.34 7.09
CA LEU E 76 -8.86 -42.85 8.20
C LEU E 76 -9.55 -43.12 9.54
N ASP E 77 -10.82 -42.79 9.66
CA ASP E 77 -11.49 -42.76 10.96
C ASP E 77 -12.98 -43.03 10.77
N GLU E 78 -13.74 -42.87 11.86
CA GLU E 78 -15.16 -43.26 11.86
C GLU E 78 -16.00 -42.38 10.94
N GLU E 79 -15.55 -41.16 10.65
CA GLU E 79 -16.27 -40.32 9.70
C GLU E 79 -16.07 -40.80 8.27
N SER E 80 -15.07 -41.67 8.05
CA SER E 80 -14.77 -42.21 6.73
C SER E 80 -14.73 -43.73 6.74
N LYS E 81 -15.69 -44.37 7.44
CA LYS E 81 -15.76 -45.83 7.42
C LYS E 81 -16.09 -46.35 6.03
N ASP E 82 -17.08 -45.74 5.38
CA ASP E 82 -17.57 -46.16 4.07
C ASP E 82 -16.96 -45.26 2.98
N TYR E 83 -15.89 -44.55 3.34
CA TYR E 83 -15.21 -43.63 2.45
C TYR E 83 -13.77 -44.08 2.25
N LEU E 84 -13.42 -44.44 1.01
CA LEU E 84 -12.04 -44.75 0.65
C LEU E 84 -11.26 -43.46 0.49
N SER E 85 -10.29 -43.23 1.37
CA SER E 85 -9.48 -42.02 1.29
C SER E 85 -8.30 -42.23 0.34
N LEU E 86 -7.83 -41.14 -0.24
CA LEU E 86 -6.71 -41.18 -1.18
C LEU E 86 -5.89 -39.91 -0.99
N TYR E 87 -4.62 -40.08 -0.60
CA TYR E 87 -3.75 -38.96 -0.28
C TYR E 87 -2.56 -38.92 -1.23
N LEU E 88 -2.07 -37.72 -1.47
CA LEU E 88 -0.83 -37.49 -2.23
C LEU E 88 0.27 -37.11 -1.26
N LEU E 89 1.37 -37.84 -1.31
CA LEU E 89 2.50 -37.63 -0.40
C LEU E 89 3.75 -37.29 -1.20
N LEU E 90 4.42 -36.22 -0.80
CA LEU E 90 5.67 -35.78 -1.41
C LEU E 90 6.81 -36.32 -0.57
N VAL E 91 7.48 -37.36 -1.07
CA VAL E 91 8.55 -37.97 -0.28
C VAL E 91 9.86 -37.21 -0.46
N SER E 92 10.20 -36.82 -1.70
CA SER E 92 11.46 -36.15 -1.94
C SER E 92 11.23 -34.79 -2.60
N CYS E 93 11.93 -33.77 -2.11
CA CYS E 93 11.83 -32.42 -2.67
C CYS E 93 13.14 -31.66 -2.44
N PRO E 94 13.59 -30.86 -3.42
CA PRO E 94 14.84 -30.11 -3.22
C PRO E 94 14.66 -28.89 -2.34
N LYS E 95 13.59 -28.12 -2.52
CA LYS E 95 13.43 -26.85 -1.84
C LYS E 95 12.88 -27.06 -0.43
N SER E 96 12.78 -25.95 0.31
CA SER E 96 12.16 -26.00 1.64
C SER E 96 10.69 -26.35 1.55
N GLU E 97 9.98 -25.77 0.58
CA GLU E 97 8.57 -26.07 0.39
C GLU E 97 8.24 -26.03 -1.10
N VAL E 98 7.23 -26.81 -1.48
CA VAL E 98 6.76 -26.88 -2.86
C VAL E 98 5.26 -26.62 -2.85
N ARG E 99 4.80 -25.78 -3.78
CA ARG E 99 3.38 -25.49 -3.91
C ARG E 99 2.82 -26.23 -5.12
N ALA E 100 1.77 -27.02 -4.88
CA ALA E 100 1.21 -27.86 -5.93
C ALA E 100 -0.30 -27.95 -5.77
N LYS E 101 -0.97 -28.29 -6.87
CA LYS E 101 -2.40 -28.53 -6.91
C LYS E 101 -2.62 -29.89 -7.57
N PHE E 102 -3.41 -30.75 -6.92
CA PHE E 102 -3.54 -32.13 -7.35
C PHE E 102 -4.97 -32.48 -7.70
N LYS E 103 -5.12 -33.47 -8.57
CA LYS E 103 -6.41 -33.95 -9.04
C LYS E 103 -6.39 -35.47 -9.09
N PHE E 104 -7.32 -36.11 -8.39
CA PHE E 104 -7.48 -37.55 -8.40
C PHE E 104 -8.74 -37.93 -9.18
N SER E 105 -8.65 -39.02 -9.94
CA SER E 105 -9.77 -39.53 -10.70
C SER E 105 -9.68 -41.06 -10.75
N ILE E 106 -10.79 -41.69 -11.10
CA ILE E 106 -10.85 -43.13 -11.24
C ILE E 106 -11.29 -43.49 -12.65
N LEU E 107 -10.67 -44.53 -13.20
CA LEU E 107 -10.98 -45.01 -14.54
C LEU E 107 -11.94 -46.19 -14.44
N ASN E 108 -12.86 -46.25 -15.39
CA ASN E 108 -13.89 -47.29 -15.44
C ASN E 108 -13.50 -48.35 -16.46
N ALA E 109 -14.44 -49.25 -16.75
CA ALA E 109 -14.18 -50.35 -17.67
C ALA E 109 -13.86 -49.84 -19.07
N LYS E 110 -14.56 -48.79 -19.51
CA LYS E 110 -14.28 -48.21 -20.82
C LYS E 110 -13.01 -47.37 -20.82
N GLY E 111 -12.40 -47.11 -19.66
CA GLY E 111 -11.23 -46.27 -19.57
C GLY E 111 -11.50 -44.80 -19.37
N GLU E 112 -12.75 -44.38 -19.37
CA GLU E 112 -13.10 -42.99 -19.14
C GLU E 112 -12.87 -42.62 -17.68
N GLU E 113 -12.55 -41.36 -17.45
CA GLU E 113 -12.40 -40.86 -16.08
C GLU E 113 -13.75 -40.78 -15.40
N THR E 114 -13.76 -41.09 -14.11
CA THR E 114 -14.99 -41.12 -13.33
C THR E 114 -14.64 -40.75 -11.90
N LYS E 115 -15.56 -40.02 -11.24
CA LYS E 115 -15.40 -39.58 -9.85
C LYS E 115 -14.17 -38.68 -9.70
N ALA E 116 -13.90 -37.89 -10.74
CA ALA E 116 -12.77 -36.98 -10.72
C ALA E 116 -13.04 -35.83 -9.76
N MET E 117 -12.08 -35.54 -8.88
CA MET E 117 -12.21 -34.44 -7.95
C MET E 117 -10.81 -33.88 -7.69
N GLU E 118 -10.77 -32.58 -7.38
CA GLU E 118 -9.51 -31.86 -7.31
C GLU E 118 -9.59 -30.79 -6.24
N SER E 119 -8.42 -30.35 -5.79
CA SER E 119 -8.30 -29.30 -4.79
C SER E 119 -8.13 -27.97 -5.52
N GLN E 120 -9.01 -27.01 -5.22
CA GLN E 120 -8.95 -25.72 -5.89
C GLN E 120 -7.73 -24.91 -5.47
N ARG E 121 -7.27 -25.09 -4.23
CA ARG E 121 -6.12 -24.35 -3.72
C ARG E 121 -4.82 -25.01 -4.18
N ALA E 122 -3.74 -24.24 -4.10
CA ALA E 122 -2.39 -24.77 -4.29
C ALA E 122 -1.77 -24.99 -2.90
N TYR E 123 -1.67 -26.24 -2.50
CA TYR E 123 -1.26 -26.59 -1.15
C TYR E 123 0.26 -26.52 -1.01
N ARG E 124 0.72 -26.15 0.19
CA ARG E 124 2.14 -26.08 0.49
C ARG E 124 2.62 -27.46 0.91
N PHE E 125 3.47 -28.07 0.10
CA PHE E 125 4.00 -29.39 0.38
C PHE E 125 5.41 -29.29 0.96
N VAL E 126 5.75 -30.26 1.82
CA VAL E 126 7.02 -30.31 2.53
C VAL E 126 7.47 -31.76 2.56
N GLN E 127 8.67 -32.00 3.11
CA GLN E 127 9.25 -33.33 3.20
C GLN E 127 8.36 -34.20 4.08
N GLY E 128 7.67 -35.16 3.45
CA GLY E 128 6.82 -36.08 4.18
C GLY E 128 5.51 -35.48 4.65
N LYS E 129 4.79 -34.83 3.75
CA LYS E 129 3.48 -34.25 4.06
C LYS E 129 2.45 -34.76 3.08
N ASP E 130 1.27 -35.11 3.59
CA ASP E 130 0.20 -35.67 2.80
C ASP E 130 -0.97 -34.69 2.77
N TRP E 131 -1.41 -34.33 1.57
CA TRP E 131 -2.60 -33.51 1.36
C TRP E 131 -3.51 -34.29 0.41
N GLY E 132 -4.73 -34.58 0.86
CA GLY E 132 -5.61 -35.39 0.04
C GLY E 132 -7.04 -35.31 0.55
N PHE E 133 -7.90 -36.07 -0.13
CA PHE E 133 -9.33 -36.09 0.17
C PHE E 133 -9.65 -37.32 1.02
N LYS E 134 -10.04 -37.09 2.27
CA LYS E 134 -10.43 -38.19 3.14
C LYS E 134 -11.73 -38.84 2.65
N LYS E 135 -12.68 -38.04 2.21
CA LYS E 135 -13.96 -38.54 1.70
C LYS E 135 -13.94 -38.58 0.18
N PHE E 136 -13.03 -39.39 -0.36
CA PHE E 136 -12.81 -39.37 -1.80
C PHE E 136 -13.93 -40.08 -2.57
N ILE E 137 -14.39 -41.23 -2.08
CA ILE E 137 -15.39 -42.00 -2.80
C ILE E 137 -16.13 -42.92 -1.83
N ARG E 138 -17.44 -43.05 -2.06
CA ARG E 138 -18.27 -44.01 -1.34
C ARG E 138 -17.72 -45.42 -1.55
N ARG E 139 -17.64 -46.21 -0.47
CA ARG E 139 -17.17 -47.59 -0.60
C ARG E 139 -18.17 -48.43 -1.41
N ASP E 140 -19.44 -48.36 -1.04
CA ASP E 140 -20.47 -49.18 -1.71
C ASP E 140 -20.63 -48.79 -3.17
N PHE E 141 -20.35 -47.53 -3.51
CA PHE E 141 -20.33 -47.11 -4.91
C PHE E 141 -19.21 -47.87 -5.64
N LEU E 142 -18.07 -48.03 -4.99
CA LEU E 142 -16.92 -48.67 -5.63
C LEU E 142 -17.13 -50.17 -5.80
N LEU E 143 -17.63 -50.85 -4.76
CA LEU E 143 -17.74 -52.30 -4.84
C LEU E 143 -18.92 -52.75 -5.71
N ASP E 144 -19.84 -51.83 -6.03
CA ASP E 144 -21.00 -52.23 -6.83
C ASP E 144 -20.52 -52.48 -8.26
N GLU E 145 -20.89 -53.64 -8.81
CA GLU E 145 -20.37 -54.05 -10.11
C GLU E 145 -21.05 -53.29 -11.25
N ALA E 146 -22.31 -52.90 -11.07
CA ALA E 146 -23.04 -52.20 -12.14
C ALA E 146 -22.46 -50.81 -12.38
N ASN E 147 -21.81 -50.23 -11.36
CA ASN E 147 -21.17 -48.93 -11.53
C ASN E 147 -19.94 -49.04 -12.42
N GLY E 148 -19.26 -50.19 -12.39
CA GLY E 148 -18.13 -50.42 -13.26
C GLY E 148 -16.83 -49.77 -12.83
N LEU E 149 -16.76 -49.28 -11.59
CA LEU E 149 -15.54 -48.63 -11.11
C LEU E 149 -14.48 -49.61 -10.62
N LEU E 150 -14.81 -50.90 -10.56
CA LEU E 150 -13.85 -51.93 -10.13
C LEU E 150 -13.86 -53.06 -11.14
N PRO E 151 -13.28 -52.85 -12.32
CA PRO E 151 -13.27 -53.91 -13.34
C PRO E 151 -12.18 -54.93 -13.07
N ASP E 152 -12.58 -56.21 -13.06
CA ASP E 152 -11.70 -57.34 -12.82
C ASP E 152 -10.96 -57.24 -11.49
N ASP E 153 -11.60 -56.64 -10.49
CA ASP E 153 -11.03 -56.37 -9.17
C ASP E 153 -9.78 -55.51 -9.22
N LYS E 154 -9.63 -54.68 -10.25
CA LYS E 154 -8.49 -53.78 -10.39
C LYS E 154 -8.96 -52.35 -10.25
N LEU E 155 -8.43 -51.64 -9.26
CA LEU E 155 -8.76 -50.25 -9.03
C LEU E 155 -7.72 -49.36 -9.69
N THR E 156 -8.11 -48.68 -10.77
CA THR E 156 -7.22 -47.80 -11.52
C THR E 156 -7.43 -46.36 -11.04
N LEU E 157 -6.37 -45.73 -10.57
CA LEU E 157 -6.40 -44.37 -10.08
C LEU E 157 -5.52 -43.51 -10.97
N PHE E 158 -6.00 -42.32 -11.32
CA PHE E 158 -5.27 -41.36 -12.11
C PHE E 158 -5.02 -40.13 -11.26
N CYS E 159 -3.78 -39.62 -11.30
CA CYS E 159 -3.40 -38.47 -10.49
C CYS E 159 -2.64 -37.49 -11.35
N GLU E 160 -3.02 -36.21 -11.28
CA GLU E 160 -2.31 -35.14 -11.97
C GLU E 160 -1.92 -34.08 -10.96
N VAL E 161 -0.62 -33.78 -10.89
CA VAL E 161 -0.09 -32.77 -9.97
C VAL E 161 0.52 -31.65 -10.78
N SER E 162 0.12 -30.42 -10.47
CA SER E 162 0.68 -29.22 -11.10
C SER E 162 1.43 -28.44 -10.04
N VAL E 163 2.76 -28.38 -10.18
CA VAL E 163 3.62 -27.65 -9.27
C VAL E 163 3.83 -26.25 -9.85
N VAL E 164 3.59 -25.24 -9.04
CA VAL E 164 3.78 -23.85 -9.44
C VAL E 164 5.11 -23.35 -8.86
N GLN E 165 5.88 -22.64 -9.67
CA GLN E 165 7.14 -22.07 -9.25
C GLN E 165 7.15 -20.56 -9.50
N ASP E 166 8.17 -19.90 -8.98
CA ASP E 166 8.22 -18.44 -9.01
C ASP E 166 8.36 -17.92 -10.43
N SER E 167 7.60 -16.87 -10.75
CA SER E 167 7.54 -16.36 -12.11
C SER E 167 8.71 -15.45 -12.41
N VAL E 168 8.95 -15.24 -13.71
CA VAL E 168 9.99 -14.34 -14.20
C VAL E 168 9.35 -13.41 -15.22
N ASN E 169 9.98 -12.26 -15.44
CA ASN E 169 9.47 -11.23 -16.34
C ASN E 169 10.37 -11.13 -17.57
N ILE E 170 9.76 -11.10 -18.75
CA ILE E 170 10.53 -11.04 -19.99
C ILE E 170 10.81 -9.59 -20.40
N SER E 171 9.77 -8.74 -20.40
CA SER E 171 9.91 -7.30 -20.62
C SER E 171 10.51 -6.96 -21.98
N GLY E 172 9.77 -7.27 -23.05
CA GLY E 172 10.20 -6.93 -24.39
C GLY E 172 9.72 -5.57 -24.86
N GLN E 173 10.58 -4.56 -24.78
CA GLN E 173 10.23 -3.19 -25.14
C GLN E 173 9.99 -3.10 -26.65
N ASN E 174 8.99 -2.31 -27.02
CA ASN E 174 8.44 -2.30 -28.38
C ASN E 174 8.64 -0.91 -28.96
N THR E 175 8.82 -0.86 -30.28
CA THR E 175 8.95 0.40 -30.99
C THR E 175 7.59 1.05 -31.22
N VAL F 30 11.36 -53.96 26.03
CA VAL F 30 11.60 -53.06 24.91
C VAL F 30 10.92 -51.72 25.19
N LYS F 31 11.19 -51.16 26.35
CA LYS F 31 10.56 -49.91 26.78
C LYS F 31 11.41 -48.73 26.32
N PHE F 32 11.06 -48.19 25.16
CA PHE F 32 11.68 -46.97 24.69
C PHE F 32 11.21 -45.79 25.51
N SER F 33 11.99 -44.70 25.49
CA SER F 33 11.62 -43.47 26.16
C SER F 33 12.14 -42.30 25.34
N TYR F 34 11.50 -41.15 25.45
CA TYR F 34 11.82 -40.00 24.61
C TYR F 34 11.31 -38.73 25.25
N MET F 35 12.21 -37.85 25.66
CA MET F 35 11.86 -36.55 26.23
C MET F 35 12.27 -35.47 25.24
N TRP F 36 11.34 -35.06 24.39
CA TRP F 36 11.64 -34.16 23.28
C TRP F 36 11.08 -32.77 23.61
N THR F 37 11.92 -31.75 23.47
CA THR F 37 11.64 -30.41 23.94
C THR F 37 11.54 -29.45 22.76
N ILE F 38 10.52 -28.61 22.76
CA ILE F 38 10.37 -27.54 21.78
C ILE F 38 10.43 -26.21 22.52
N ASN F 39 11.33 -25.33 22.11
CA ASN F 39 11.54 -24.05 22.76
C ASN F 39 10.94 -22.92 21.93
N ASN F 40 10.73 -21.78 22.59
CA ASN F 40 9.96 -20.63 22.10
C ASN F 40 8.74 -21.07 21.30
N PHE F 41 7.91 -21.89 21.96
CA PHE F 41 6.80 -22.56 21.31
C PHE F 41 5.72 -21.59 20.84
N SER F 42 5.54 -20.46 21.54
CA SER F 42 4.53 -19.49 21.13
C SER F 42 4.81 -18.93 19.74
N PHE F 43 6.08 -18.90 19.34
CA PHE F 43 6.46 -18.59 17.96
C PHE F 43 6.40 -19.86 17.12
N CYS F 44 5.16 -20.35 16.92
CA CYS F 44 4.96 -21.66 16.31
C CYS F 44 5.24 -21.66 14.82
N ARG F 45 5.43 -20.48 14.22
CA ARG F 45 6.03 -20.21 12.92
C ARG F 45 5.06 -20.56 11.77
N GLU F 46 4.00 -21.32 12.00
CA GLU F 46 3.18 -21.80 10.89
C GLU F 46 1.70 -21.88 11.24
N GLU F 47 0.91 -22.09 10.19
CA GLU F 47 -0.55 -22.00 10.20
C GLU F 47 -1.17 -23.37 10.47
N MET F 48 -2.45 -23.52 10.12
CA MET F 48 -3.23 -24.73 10.32
C MET F 48 -2.58 -25.96 9.66
N GLY F 49 -2.63 -27.08 10.38
CA GLY F 49 -2.28 -28.38 9.83
C GLY F 49 -0.83 -28.56 9.42
N GLU F 50 0.11 -28.16 10.26
CA GLU F 50 1.53 -28.34 9.97
C GLU F 50 2.16 -29.26 11.01
N VAL F 51 3.29 -29.85 10.64
CA VAL F 51 3.98 -30.84 11.46
C VAL F 51 5.29 -30.25 11.97
N ILE F 52 5.71 -30.70 13.15
CA ILE F 52 7.05 -30.45 13.67
C ILE F 52 7.67 -31.81 13.92
N LYS F 53 8.41 -32.32 12.94
CA LYS F 53 8.99 -33.66 13.05
C LYS F 53 10.13 -33.68 14.05
N SER F 54 10.42 -34.87 14.55
CA SER F 54 11.43 -35.07 15.58
C SER F 54 12.59 -35.88 15.05
N SER F 55 13.60 -36.05 15.90
CA SER F 55 14.73 -36.91 15.57
C SER F 55 14.35 -38.37 15.74
N THR F 56 14.83 -39.21 14.82
CA THR F 56 14.55 -40.64 14.92
C THR F 56 15.32 -41.23 16.09
N PHE F 57 14.59 -41.86 17.02
CA PHE F 57 15.17 -42.36 18.25
C PHE F 57 14.95 -43.87 18.35
N SER F 58 15.84 -44.53 19.08
CA SER F 58 15.78 -45.96 19.30
C SER F 58 16.50 -46.29 20.60
N SER F 59 16.52 -47.58 20.92
CA SER F 59 17.33 -48.06 22.02
C SER F 59 18.62 -48.68 21.48
N GLY F 60 19.51 -49.06 22.41
CA GLY F 60 20.74 -49.73 22.00
C GLY F 60 20.48 -51.06 21.34
N ALA F 61 19.53 -51.83 21.87
CA ALA F 61 19.06 -53.06 21.26
C ALA F 61 17.57 -52.93 20.98
N ASN F 62 17.15 -53.26 19.76
CA ASN F 62 18.02 -53.80 18.72
C ASN F 62 18.61 -52.73 17.81
N ASP F 63 18.16 -51.48 18.01
CA ASP F 63 18.57 -50.31 17.24
C ASP F 63 18.21 -50.41 15.76
N LYS F 64 17.40 -51.40 15.39
CA LYS F 64 16.88 -51.52 14.04
C LYS F 64 15.50 -50.93 13.89
N LEU F 65 14.90 -50.46 14.98
CA LEU F 65 13.56 -49.89 14.97
C LEU F 65 13.67 -48.39 15.26
N LYS F 66 13.27 -47.57 14.30
CA LYS F 66 13.39 -46.12 14.41
C LYS F 66 12.02 -45.48 14.47
N TRP F 67 11.83 -44.59 15.44
CA TRP F 67 10.56 -43.92 15.69
C TRP F 67 10.80 -42.42 15.78
N CYS F 68 9.75 -41.64 15.50
CA CYS F 68 9.82 -40.19 15.63
C CYS F 68 8.45 -39.65 15.98
N LEU F 69 8.41 -38.65 16.86
CA LEU F 69 7.15 -38.03 17.24
C LEU F 69 6.84 -36.91 16.26
N ARG F 70 5.70 -37.03 15.57
CA ARG F 70 5.23 -36.00 14.66
C ARG F 70 4.12 -35.23 15.36
N VAL F 71 4.45 -34.08 15.92
CA VAL F 71 3.48 -33.25 16.63
C VAL F 71 2.97 -32.20 15.66
N ASN F 72 1.72 -31.80 15.86
CA ASN F 72 1.18 -30.63 15.18
C ASN F 72 0.88 -29.58 16.22
N PRO F 73 1.58 -28.44 16.24
CA PRO F 73 1.25 -27.39 17.22
C PRO F 73 -0.15 -26.81 17.04
N LYS F 74 -0.70 -26.93 15.84
CA LYS F 74 -2.10 -26.63 15.57
C LYS F 74 -2.91 -27.91 15.43
N GLY F 75 -4.21 -27.74 15.23
CA GLY F 75 -5.07 -28.89 15.01
C GLY F 75 -4.71 -29.60 13.72
N LEU F 76 -4.79 -30.93 13.76
CA LEU F 76 -4.59 -31.70 12.53
C LEU F 76 -5.80 -31.56 11.61
N ASP F 77 -7.00 -31.62 12.17
CA ASP F 77 -8.23 -31.57 11.39
C ASP F 77 -9.14 -30.47 11.91
N GLU F 78 -10.03 -29.99 11.04
CA GLU F 78 -11.04 -29.03 11.47
C GLU F 78 -12.15 -29.69 12.27
N GLU F 79 -12.28 -31.02 12.17
CA GLU F 79 -13.33 -31.73 12.90
C GLU F 79 -13.14 -31.61 14.40
N SER F 80 -11.88 -31.73 14.86
CA SER F 80 -11.52 -31.46 16.24
C SER F 80 -10.31 -30.51 16.21
N LYS F 81 -10.60 -29.22 16.09
CA LYS F 81 -9.59 -28.17 16.12
C LYS F 81 -9.28 -27.87 17.58
N ASP F 82 -8.39 -26.90 17.83
CA ASP F 82 -8.04 -26.45 19.18
C ASP F 82 -7.43 -27.60 19.97
N TYR F 83 -6.39 -28.20 19.39
CA TYR F 83 -5.82 -29.45 19.87
C TYR F 83 -4.36 -29.55 19.47
N LEU F 84 -3.57 -30.16 20.34
CA LEU F 84 -2.16 -30.43 20.08
C LEU F 84 -2.00 -31.88 19.66
N SER F 85 -2.38 -32.20 18.41
CA SER F 85 -2.41 -33.57 17.92
C SER F 85 -1.00 -34.13 17.87
N LEU F 86 -0.73 -35.14 18.70
CA LEU F 86 0.59 -35.73 18.83
C LEU F 86 0.56 -37.15 18.28
N TYR F 87 1.51 -37.46 17.40
CA TYR F 87 1.56 -38.74 16.71
C TYR F 87 2.93 -39.37 16.88
N LEU F 88 2.97 -40.70 16.76
CA LEU F 88 4.19 -41.48 16.73
C LEU F 88 4.27 -42.17 15.38
N LEU F 89 5.41 -42.04 14.71
CA LEU F 89 5.60 -42.60 13.38
C LEU F 89 6.80 -43.54 13.40
N LEU F 90 6.62 -44.73 12.85
CA LEU F 90 7.69 -45.71 12.69
C LEU F 90 8.35 -45.46 11.34
N VAL F 91 9.56 -44.91 11.36
CA VAL F 91 10.20 -44.52 10.11
C VAL F 91 10.98 -45.69 9.52
N SER F 92 11.73 -46.42 10.34
CA SER F 92 12.52 -47.55 9.89
C SER F 92 12.17 -48.79 10.70
N CYS F 93 12.02 -49.92 10.00
CA CYS F 93 11.71 -51.18 10.66
C CYS F 93 12.18 -52.36 9.80
N PRO F 94 12.79 -53.39 10.42
CA PRO F 94 13.23 -54.55 9.64
C PRO F 94 12.11 -55.51 9.29
N LYS F 95 11.16 -55.69 10.21
CA LYS F 95 10.08 -56.64 10.04
C LYS F 95 8.94 -56.03 9.22
N SER F 96 7.94 -56.85 8.93
CA SER F 96 6.79 -56.39 8.16
C SER F 96 5.86 -55.54 9.02
N GLU F 97 5.72 -55.91 10.30
CA GLU F 97 4.82 -55.23 11.21
C GLU F 97 5.44 -55.20 12.60
N VAL F 98 5.07 -54.19 13.39
CA VAL F 98 5.54 -54.06 14.77
C VAL F 98 4.35 -53.74 15.67
N ARG F 99 4.16 -54.55 16.70
CA ARG F 99 3.07 -54.32 17.65
C ARG F 99 3.61 -53.55 18.85
N ALA F 100 3.10 -52.33 19.04
CA ALA F 100 3.65 -51.44 20.05
C ALA F 100 2.55 -50.65 20.74
N LYS F 101 2.73 -50.42 22.03
CA LYS F 101 1.84 -49.58 22.83
C LYS F 101 2.61 -48.31 23.20
N PHE F 102 2.06 -47.16 22.84
CA PHE F 102 2.72 -45.89 23.09
C PHE F 102 1.93 -45.05 24.08
N LYS F 103 2.63 -44.25 24.87
CA LYS F 103 2.03 -43.38 25.86
C LYS F 103 2.75 -42.04 25.85
N PHE F 104 2.00 -40.98 25.56
CA PHE F 104 2.53 -39.62 25.57
C PHE F 104 2.18 -38.92 26.87
N SER F 105 2.98 -37.92 27.22
CA SER F 105 2.74 -37.10 28.40
C SER F 105 3.47 -35.78 28.22
N ILE F 106 3.08 -34.80 29.04
CA ILE F 106 3.67 -33.46 29.02
C ILE F 106 4.25 -33.18 30.40
N LEU F 107 5.48 -32.68 30.45
CA LEU F 107 6.05 -32.26 31.72
C LEU F 107 5.70 -30.80 31.98
N ASN F 108 5.43 -30.49 33.26
CA ASN F 108 5.06 -29.14 33.66
C ASN F 108 6.32 -28.37 34.05
N ALA F 109 6.14 -27.19 34.66
CA ALA F 109 7.29 -26.41 35.13
C ALA F 109 8.02 -27.13 36.26
N LYS F 110 7.28 -27.73 37.18
CA LYS F 110 7.92 -28.52 38.24
C LYS F 110 8.60 -29.75 37.64
N GLY F 111 7.93 -30.43 36.70
CA GLY F 111 8.55 -31.49 35.96
C GLY F 111 7.94 -32.87 36.10
N GLU F 112 6.83 -33.01 36.82
CA GLU F 112 6.20 -34.32 36.92
C GLU F 112 5.43 -34.66 35.64
N GLU F 113 5.07 -35.93 35.51
CA GLU F 113 4.30 -36.37 34.36
C GLU F 113 2.88 -35.84 34.44
N THR F 114 2.44 -35.16 33.39
CA THR F 114 1.11 -34.57 33.34
C THR F 114 0.48 -34.84 31.98
N LYS F 115 -0.84 -34.92 31.97
CA LYS F 115 -1.64 -35.30 30.80
C LYS F 115 -1.18 -36.63 30.22
N ALA F 116 -0.94 -37.63 31.06
CA ALA F 116 -0.47 -38.93 30.59
C ALA F 116 -1.58 -39.64 29.84
N MET F 117 -1.49 -39.63 28.52
CA MET F 117 -2.48 -40.27 27.65
C MET F 117 -1.89 -41.56 27.11
N GLU F 118 -2.58 -42.68 27.35
CA GLU F 118 -2.08 -44.00 27.03
C GLU F 118 -2.96 -44.64 25.97
N SER F 119 -2.32 -45.25 24.97
CA SER F 119 -3.03 -46.03 23.96
C SER F 119 -3.19 -47.46 24.45
N GLN F 120 -4.43 -47.89 24.63
CA GLN F 120 -4.68 -49.15 25.34
C GLN F 120 -4.33 -50.37 24.49
N ARG F 121 -4.54 -50.30 23.18
CA ARG F 121 -4.26 -51.46 22.35
C ARG F 121 -2.78 -51.50 21.94
N ALA F 122 -2.35 -52.69 21.50
CA ALA F 122 -1.04 -52.87 20.88
C ALA F 122 -1.21 -52.55 19.40
N TYR F 123 -0.94 -51.29 19.06
CA TYR F 123 -1.16 -50.82 17.70
C TYR F 123 -0.15 -51.45 16.74
N ARG F 124 -0.62 -51.72 15.52
CA ARG F 124 0.19 -52.30 14.47
C ARG F 124 0.87 -51.19 13.69
N PHE F 125 2.18 -51.34 13.49
CA PHE F 125 3.02 -50.32 12.87
C PHE F 125 3.68 -50.88 11.62
N VAL F 126 3.70 -50.05 10.57
CA VAL F 126 4.15 -50.41 9.24
C VAL F 126 5.16 -49.33 8.85
N GLN F 127 6.00 -49.60 7.85
CA GLN F 127 7.03 -48.66 7.39
C GLN F 127 6.38 -47.35 6.98
N GLY F 128 6.62 -46.30 7.77
CA GLY F 128 6.05 -45.00 7.51
C GLY F 128 4.58 -44.89 7.89
N LYS F 129 4.23 -45.32 9.11
CA LYS F 129 2.86 -45.30 9.58
C LYS F 129 2.79 -44.61 10.94
N ASP F 130 1.81 -43.74 11.12
CA ASP F 130 1.67 -42.94 12.33
C ASP F 130 0.38 -43.27 13.07
N TRP F 131 0.50 -43.44 14.39
CA TRP F 131 -0.64 -43.57 15.29
C TRP F 131 -0.45 -42.63 16.47
N GLY F 132 -1.56 -42.13 17.02
CA GLY F 132 -1.42 -41.23 18.16
C GLY F 132 -2.75 -40.63 18.55
N PHE F 133 -2.68 -39.54 19.31
CA PHE F 133 -3.86 -38.91 19.87
C PHE F 133 -4.09 -37.56 19.21
N LYS F 134 -5.14 -37.49 18.40
CA LYS F 134 -5.52 -36.23 17.77
C LYS F 134 -6.15 -35.27 18.77
N LYS F 135 -6.99 -35.78 19.66
CA LYS F 135 -7.60 -34.99 20.73
C LYS F 135 -6.75 -35.07 21.99
N PHE F 136 -5.51 -34.60 21.87
CA PHE F 136 -4.54 -34.81 22.94
C PHE F 136 -4.76 -33.82 24.09
N ILE F 137 -4.80 -32.53 23.79
CA ILE F 137 -4.97 -31.49 24.80
C ILE F 137 -5.49 -30.23 24.13
N ARG F 138 -6.45 -29.56 24.78
CA ARG F 138 -6.93 -28.27 24.31
C ARG F 138 -5.77 -27.27 24.24
N ARG F 139 -5.70 -26.53 23.12
CA ARG F 139 -4.69 -25.49 23.02
C ARG F 139 -4.95 -24.36 24.01
N ASP F 140 -6.23 -24.02 24.23
CA ASP F 140 -6.55 -23.00 25.21
C ASP F 140 -6.16 -23.44 26.62
N PHE F 141 -6.32 -24.73 26.92
CA PHE F 141 -5.88 -25.26 28.21
C PHE F 141 -4.36 -25.19 28.34
N LEU F 142 -3.64 -25.45 27.25
CA LEU F 142 -2.19 -25.41 27.30
C LEU F 142 -1.68 -23.97 27.42
N LEU F 143 -2.41 -23.02 26.85
CA LEU F 143 -1.91 -21.65 26.74
C LEU F 143 -2.09 -20.81 28.00
N ASP F 144 -2.81 -21.30 29.02
CA ASP F 144 -2.93 -20.54 30.25
C ASP F 144 -1.64 -20.63 31.06
N GLU F 145 -1.17 -19.48 31.55
CA GLU F 145 0.06 -19.45 32.32
C GLU F 145 -0.14 -20.00 33.73
N ALA F 146 -1.40 -20.01 34.21
CA ALA F 146 -1.67 -20.51 35.55
C ALA F 146 -1.49 -22.03 35.64
N ASN F 147 -1.61 -22.72 34.50
CA ASN F 147 -1.48 -24.18 34.50
C ASN F 147 -0.03 -24.62 34.66
N GLY F 148 0.91 -23.81 34.16
CA GLY F 148 2.31 -24.17 34.20
C GLY F 148 2.72 -25.24 33.21
N LEU F 149 1.87 -25.54 32.23
CA LEU F 149 2.15 -26.59 31.26
C LEU F 149 3.00 -26.11 30.10
N LEU F 150 3.29 -24.82 30.01
CA LEU F 150 4.18 -24.27 28.99
C LEU F 150 5.21 -23.36 29.65
N PRO F 151 6.15 -23.93 30.40
CA PRO F 151 7.13 -23.09 31.11
C PRO F 151 8.21 -22.55 30.20
N ASP F 152 8.42 -21.23 30.30
CA ASP F 152 9.46 -20.52 29.56
C ASP F 152 9.34 -20.74 28.04
N ASP F 153 8.10 -20.83 27.58
CA ASP F 153 7.76 -21.06 26.16
C ASP F 153 8.38 -22.36 25.63
N LYS F 154 8.63 -23.31 26.52
CA LYS F 154 9.19 -24.61 26.17
C LYS F 154 8.26 -25.71 26.62
N LEU F 155 7.95 -26.64 25.72
CA LEU F 155 7.11 -27.79 26.04
C LEU F 155 7.94 -29.07 25.91
N THR F 156 7.75 -29.97 26.87
CA THR F 156 8.50 -31.21 26.97
C THR F 156 7.55 -32.39 26.87
N LEU F 157 7.66 -33.16 25.78
CA LEU F 157 6.85 -34.33 25.54
C LEU F 157 7.64 -35.58 25.91
N PHE F 158 7.07 -36.39 26.79
CA PHE F 158 7.68 -37.64 27.22
C PHE F 158 6.85 -38.79 26.66
N CYS F 159 7.46 -39.58 25.79
CA CYS F 159 6.79 -40.67 25.09
C CYS F 159 7.49 -41.98 25.45
N GLU F 160 6.70 -42.97 25.88
CA GLU F 160 7.20 -44.29 26.21
C GLU F 160 6.54 -45.30 25.27
N VAL F 161 7.36 -46.11 24.61
CA VAL F 161 6.87 -47.11 23.66
C VAL F 161 7.31 -48.48 24.16
N SER F 162 6.36 -49.41 24.26
CA SER F 162 6.63 -50.79 24.62
C SER F 162 6.32 -51.67 23.41
N VAL F 163 7.31 -52.46 22.99
CA VAL F 163 7.17 -53.32 21.82
C VAL F 163 7.04 -54.76 22.29
N VAL F 164 6.04 -55.46 21.77
CA VAL F 164 5.80 -56.85 22.14
C VAL F 164 6.08 -57.77 20.96
N GLY G 16 8.79 -36.73 35.51
CA GLY G 16 9.78 -36.68 34.45
C GLY G 16 10.94 -37.63 34.64
N PRO G 17 10.78 -38.87 34.19
CA PRO G 17 11.85 -39.85 34.34
C PRO G 17 12.97 -39.64 33.34
N VAL G 18 14.00 -40.48 33.46
CA VAL G 18 15.14 -40.39 32.56
C VAL G 18 14.77 -40.92 31.18
N ALA G 19 15.21 -40.20 30.16
CA ALA G 19 14.96 -40.56 28.77
C ALA G 19 16.22 -41.15 28.16
N GLU G 20 16.08 -42.30 27.49
CA GLU G 20 17.23 -42.92 26.84
C GLU G 20 17.68 -42.11 25.63
N SER G 21 16.76 -41.36 25.03
CA SER G 21 17.05 -40.47 23.91
C SER G 21 16.22 -39.20 24.06
N TRP G 22 16.78 -38.08 23.65
CA TRP G 22 16.07 -36.80 23.74
C TRP G 22 16.36 -35.96 22.52
N CYS G 23 15.53 -34.95 22.31
CA CYS G 23 15.69 -34.03 21.19
C CYS G 23 15.43 -32.61 21.67
N TYR G 24 15.92 -31.65 20.92
CA TYR G 24 15.80 -30.24 21.27
C TYR G 24 15.59 -29.44 20.00
N THR G 25 14.33 -29.17 19.66
CA THR G 25 13.99 -28.39 18.47
C THR G 25 14.09 -26.90 18.82
N GLN G 26 14.89 -26.17 18.05
CA GLN G 26 15.13 -24.75 18.29
C GLN G 26 14.62 -23.96 17.08
N ILE G 27 13.44 -23.36 17.22
CA ILE G 27 12.94 -22.43 16.23
C ILE G 27 13.63 -21.09 16.50
N LYS G 28 14.66 -20.78 15.70
CA LYS G 28 15.45 -19.59 15.96
C LYS G 28 14.64 -18.33 15.68
N VAL G 29 14.70 -17.38 16.60
CA VAL G 29 14.03 -16.09 16.46
C VAL G 29 15.07 -15.00 16.70
N VAL G 30 14.97 -13.91 15.95
CA VAL G 30 15.82 -12.74 16.13
C VAL G 30 14.91 -11.54 16.37
N LYS G 31 15.37 -10.62 17.21
CA LYS G 31 14.55 -9.49 17.63
C LYS G 31 15.20 -8.18 17.21
N PHE G 32 14.46 -7.38 16.44
CA PHE G 32 14.84 -6.02 16.10
C PHE G 32 14.13 -5.08 17.07
N SER G 33 14.79 -3.98 17.41
CA SER G 33 14.21 -2.97 18.27
C SER G 33 14.48 -1.60 17.66
N TYR G 34 13.44 -0.79 17.54
CA TYR G 34 13.49 0.43 16.74
C TYR G 34 12.77 1.56 17.45
N MET G 35 13.39 2.74 17.46
CA MET G 35 12.75 3.98 17.88
C MET G 35 12.76 4.93 16.69
N TRP G 36 11.66 5.66 16.51
CA TRP G 36 11.44 6.43 15.30
C TRP G 36 10.72 7.72 15.70
N THR G 37 11.46 8.83 15.66
CA THR G 37 11.01 10.09 16.24
C THR G 37 10.79 11.12 15.15
N ILE G 38 9.64 11.79 15.19
CA ILE G 38 9.31 12.86 14.27
C ILE G 38 9.13 14.14 15.07
N ASN G 39 9.92 15.17 14.74
CA ASN G 39 9.80 16.46 15.39
C ASN G 39 8.82 17.35 14.62
N ASN G 40 8.27 18.33 15.34
CA ASN G 40 7.20 19.25 14.91
C ASN G 40 6.16 18.54 14.04
N PHE G 41 5.53 17.51 14.61
CA PHE G 41 4.66 16.63 13.83
C PHE G 41 3.40 17.35 13.35
N SER G 42 3.01 18.44 14.02
CA SER G 42 1.82 19.18 13.61
C SER G 42 1.99 19.80 12.23
N PHE G 43 3.23 20.09 11.85
CA PHE G 43 3.54 20.55 10.49
C PHE G 43 3.80 19.35 9.57
N CYS G 44 2.80 18.48 9.49
CA CYS G 44 2.91 17.31 8.62
C CYS G 44 2.93 17.70 7.15
N ARG G 45 2.41 18.89 6.82
CA ARG G 45 2.61 19.67 5.60
C ARG G 45 1.90 19.11 4.36
N GLU G 46 1.31 17.91 4.42
CA GLU G 46 0.65 17.36 3.24
C GLU G 46 -0.65 16.68 3.65
N GLU G 47 -1.49 16.43 2.65
CA GLU G 47 -2.82 15.84 2.83
C GLU G 47 -2.72 14.32 2.90
N MET G 48 -3.86 13.64 3.04
CA MET G 48 -3.88 12.20 3.29
C MET G 48 -3.21 11.42 2.14
N GLY G 49 -2.80 10.20 2.46
CA GLY G 49 -2.08 9.36 1.53
C GLY G 49 -0.59 9.60 1.50
N GLU G 50 -0.11 10.70 2.07
CA GLU G 50 1.32 10.95 2.16
C GLU G 50 1.97 9.98 3.13
N VAL G 51 3.27 9.77 2.93
CA VAL G 51 4.02 8.81 3.73
C VAL G 51 5.32 9.47 4.18
N ILE G 52 5.65 9.31 5.46
CA ILE G 52 6.93 9.75 6.00
C ILE G 52 7.76 8.48 6.20
N LYS G 53 8.61 8.17 5.22
CA LYS G 53 9.44 6.98 5.28
C LYS G 53 10.50 7.13 6.36
N SER G 54 10.90 5.98 6.92
CA SER G 54 11.92 5.94 7.94
C SER G 54 13.21 5.37 7.36
N SER G 55 14.33 5.72 7.98
CA SER G 55 15.62 5.18 7.58
C SER G 55 15.67 3.69 7.85
N THR G 56 16.31 2.94 6.96
CA THR G 56 16.36 1.48 7.08
C THR G 56 17.16 1.08 8.31
N PHE G 57 16.68 0.05 9.00
CA PHE G 57 17.31 -0.43 10.22
C PHE G 57 17.40 -1.95 10.18
N SER G 58 18.35 -2.49 10.92
CA SER G 58 18.59 -3.93 10.96
C SER G 58 19.31 -4.28 12.25
N SER G 59 19.62 -5.56 12.40
CA SER G 59 20.43 -6.05 13.49
C SER G 59 21.84 -6.34 13.00
N GLY G 60 22.71 -6.75 13.93
CA GLY G 60 24.04 -7.20 13.53
C GLY G 60 23.98 -8.46 12.70
N ALA G 61 23.10 -9.39 13.07
CA ALA G 61 22.84 -10.60 12.30
C ALA G 61 21.36 -10.65 11.95
N ASN G 62 21.04 -10.93 10.69
CA ASN G 62 22.02 -11.21 9.64
C ASN G 62 22.58 -9.97 8.95
N ASP G 63 21.90 -8.83 9.16
CA ASP G 63 22.19 -7.50 8.62
C ASP G 63 21.95 -7.41 7.11
N LYS G 64 21.56 -8.49 6.44
CA LYS G 64 21.11 -8.40 5.06
C LYS G 64 19.60 -8.16 4.95
N LEU G 65 18.88 -8.21 6.07
CA LEU G 65 17.46 -7.91 6.11
C LEU G 65 17.29 -6.46 6.55
N LYS G 66 16.62 -5.66 5.72
CA LYS G 66 16.46 -4.24 5.98
C LYS G 66 14.98 -3.89 6.07
N TRP G 67 14.58 -3.34 7.21
CA TRP G 67 13.20 -2.93 7.46
C TRP G 67 13.12 -1.42 7.56
N CYS G 68 11.92 -0.89 7.37
CA CYS G 68 11.66 0.53 7.56
C CYS G 68 10.22 0.71 8.01
N LEU G 69 9.95 1.83 8.66
CA LEU G 69 8.62 2.18 9.11
C LEU G 69 8.02 3.21 8.15
N ARG G 70 6.79 2.94 7.71
CA ARG G 70 6.04 3.86 6.87
C ARG G 70 4.81 4.32 7.63
N VAL G 71 4.67 5.64 7.78
CA VAL G 71 3.61 6.22 8.57
C VAL G 71 2.89 7.27 7.73
N ASN G 72 1.56 7.23 7.76
CA ASN G 72 0.75 8.26 7.13
C ASN G 72 0.12 9.12 8.22
N PRO G 73 0.49 10.41 8.32
CA PRO G 73 -0.08 11.24 9.41
C PRO G 73 -1.59 11.36 9.35
N LYS G 74 -2.16 11.37 8.15
CA LYS G 74 -3.61 11.32 7.99
C LYS G 74 -4.01 9.88 7.66
N GLY G 75 -5.32 9.67 7.46
CA GLY G 75 -5.81 8.33 7.16
C GLY G 75 -5.39 7.89 5.77
N LEU G 76 -4.99 6.62 5.67
CA LEU G 76 -4.60 6.07 4.37
C LEU G 76 -5.81 5.81 3.49
N ASP G 77 -6.90 5.32 4.07
CA ASP G 77 -8.10 4.97 3.32
C ASP G 77 -9.23 5.92 3.67
N GLU G 78 -10.31 5.87 2.89
CA GLU G 78 -11.48 6.69 3.14
C GLU G 78 -12.17 6.30 4.44
N GLU G 79 -12.04 5.03 4.83
CA GLU G 79 -12.64 4.62 6.10
C GLU G 79 -11.81 5.11 7.28
N SER G 80 -10.52 5.40 7.05
CA SER G 80 -9.65 5.83 8.14
C SER G 80 -9.80 7.32 8.41
N LYS G 81 -9.45 8.17 7.42
CA LYS G 81 -9.47 9.62 7.52
C LYS G 81 -8.84 10.16 8.79
N ASP G 82 -9.61 10.20 9.88
CA ASP G 82 -9.09 10.64 11.17
C ASP G 82 -8.41 9.48 11.89
N TYR G 83 -7.34 8.97 11.29
CA TYR G 83 -6.62 7.82 11.79
C TYR G 83 -5.15 7.91 11.41
N LEU G 84 -4.30 7.50 12.34
CA LEU G 84 -2.88 7.32 12.09
C LEU G 84 -2.67 5.88 11.64
N SER G 85 -1.91 5.69 10.57
CA SER G 85 -1.64 4.36 10.02
C SER G 85 -0.15 4.10 10.03
N LEU G 86 0.28 3.05 10.71
CA LEU G 86 1.68 2.69 10.82
C LEU G 86 1.90 1.34 10.13
N TYR G 87 2.86 1.31 9.19
CA TYR G 87 3.18 0.11 8.44
C TYR G 87 4.67 -0.19 8.58
N LEU G 88 5.02 -1.45 8.36
CA LEU G 88 6.39 -1.92 8.34
C LEU G 88 6.68 -2.53 6.98
N LEU G 89 7.79 -2.13 6.36
CA LEU G 89 8.12 -2.55 5.00
C LEU G 89 9.51 -3.16 4.97
N LEU G 90 9.63 -4.31 4.32
CA LEU G 90 10.92 -4.98 4.12
C LEU G 90 11.46 -4.53 2.78
N VAL G 91 12.51 -3.71 2.80
CA VAL G 91 12.97 -3.08 1.57
C VAL G 91 13.99 -3.95 0.85
N SER G 92 14.60 -4.90 1.57
CA SER G 92 15.63 -5.75 0.98
C SER G 92 15.67 -7.08 1.72
N CYS G 93 15.59 -8.17 0.96
CA CYS G 93 15.58 -9.51 1.51
C CYS G 93 16.54 -10.40 0.72
N PRO G 94 17.51 -11.04 1.37
CA PRO G 94 18.34 -12.02 0.65
C PRO G 94 17.66 -13.34 0.41
N LYS G 95 16.69 -13.71 1.25
CA LYS G 95 15.92 -14.93 1.08
C LYS G 95 14.73 -14.68 0.17
N SER G 96 13.82 -15.66 0.10
CA SER G 96 12.60 -15.47 -0.66
C SER G 96 11.54 -14.74 0.16
N GLU G 97 11.19 -15.30 1.32
CA GLU G 97 10.22 -14.69 2.22
C GLU G 97 10.74 -14.77 3.65
N VAL G 98 10.29 -13.84 4.47
CA VAL G 98 10.69 -13.78 5.88
C VAL G 98 9.43 -13.61 6.72
N ARG G 99 9.24 -14.50 7.69
CA ARG G 99 8.07 -14.41 8.55
C ARG G 99 8.42 -13.74 9.88
N ALA G 100 7.59 -12.79 10.28
CA ALA G 100 7.89 -11.96 11.43
C ALA G 100 6.61 -11.50 12.10
N LYS G 101 6.74 -11.16 13.39
CA LYS G 101 5.69 -10.53 14.17
C LYS G 101 6.17 -9.15 14.58
N PHE G 102 5.39 -8.12 14.28
CA PHE G 102 5.76 -6.74 14.57
C PHE G 102 4.81 -6.15 15.59
N LYS G 103 5.35 -5.34 16.49
CA LYS G 103 4.58 -4.67 17.53
C LYS G 103 4.97 -3.19 17.56
N PHE G 104 3.98 -2.32 17.36
CA PHE G 104 4.18 -0.87 17.40
C PHE G 104 3.61 -0.33 18.70
N SER G 105 4.23 0.73 19.21
CA SER G 105 3.75 1.39 20.42
C SER G 105 4.18 2.85 20.43
N ILE G 106 3.25 3.75 20.69
CA ILE G 106 3.54 5.18 20.76
C ILE G 106 4.03 5.48 22.17
N LEU G 107 5.26 5.97 22.30
CA LEU G 107 5.76 6.36 23.61
C LEU G 107 5.11 7.66 24.05
N ASN G 108 4.86 7.77 25.35
CA ASN G 108 4.20 8.93 25.92
C ASN G 108 5.23 9.98 26.34
N ALA G 109 4.74 11.05 26.97
CA ALA G 109 5.62 12.14 27.40
C ALA G 109 6.62 11.67 28.45
N LYS G 110 6.16 10.87 29.41
CA LYS G 110 7.06 10.36 30.45
C LYS G 110 7.99 9.31 29.86
N GLY G 111 7.50 8.44 28.98
CA GLY G 111 8.35 7.50 28.26
C GLY G 111 7.85 6.08 28.22
N GLU G 112 6.79 5.74 28.95
CA GLU G 112 6.31 4.36 28.95
C GLU G 112 5.46 4.06 27.71
N GLU G 113 5.41 2.78 27.37
CA GLU G 113 4.74 2.34 26.15
C GLU G 113 3.22 2.39 26.30
N THR G 114 2.57 3.19 25.45
CA THR G 114 1.12 3.27 25.42
C THR G 114 0.64 2.96 24.00
N LYS G 115 -0.63 2.57 23.91
CA LYS G 115 -1.29 2.25 22.64
C LYS G 115 -0.55 1.15 21.88
N ALA G 116 -0.01 0.19 22.61
CA ALA G 116 0.74 -0.90 22.00
C ALA G 116 -0.21 -1.88 21.32
N MET G 117 -0.03 -2.05 20.02
CA MET G 117 -0.87 -2.96 19.23
C MET G 117 0.04 -3.84 18.40
N GLU G 118 -0.20 -5.15 18.45
CA GLU G 118 0.70 -6.14 17.87
C GLU G 118 -0.05 -7.05 16.91
N SER G 119 0.68 -7.61 15.96
CA SER G 119 0.12 -8.55 14.98
C SER G 119 0.33 -9.97 15.50
N GLN G 120 -0.79 -10.67 15.75
CA GLN G 120 -0.70 -11.99 16.35
C GLN G 120 -0.09 -13.01 15.40
N ARG G 121 -0.40 -12.92 14.11
CA ARG G 121 0.13 -13.87 13.14
C ARG G 121 1.55 -13.49 12.75
N ALA G 122 2.35 -14.50 12.40
CA ALA G 122 3.69 -14.27 11.86
C ALA G 122 3.53 -13.99 10.37
N TYR G 123 3.39 -12.71 10.04
CA TYR G 123 3.15 -12.31 8.67
C TYR G 123 4.37 -12.59 7.79
N ARG G 124 4.11 -13.02 6.56
CA ARG G 124 5.17 -13.19 5.58
C ARG G 124 5.57 -11.84 5.00
N PHE G 125 6.81 -11.76 4.53
CA PHE G 125 7.37 -10.52 4.00
C PHE G 125 8.23 -10.83 2.79
N VAL G 126 8.02 -10.05 1.72
CA VAL G 126 8.82 -10.10 0.51
C VAL G 126 9.36 -8.69 0.29
N GLN G 127 10.26 -8.54 -0.68
CA GLN G 127 10.77 -7.23 -1.03
C GLN G 127 9.65 -6.36 -1.59
N GLY G 128 9.53 -5.14 -1.08
CA GLY G 128 8.49 -4.24 -1.50
C GLY G 128 7.12 -4.52 -0.92
N LYS G 129 7.02 -5.46 0.02
CA LYS G 129 5.75 -5.81 0.64
C LYS G 129 5.72 -5.27 2.07
N ASP G 130 4.64 -4.59 2.43
CA ASP G 130 4.51 -3.97 3.74
C ASP G 130 3.25 -4.47 4.44
N TRP G 131 3.32 -4.54 5.76
CA TRP G 131 2.18 -4.93 6.59
C TRP G 131 2.08 -3.99 7.76
N GLY G 132 0.86 -3.61 8.13
CA GLY G 132 0.70 -2.65 9.21
C GLY G 132 -0.72 -2.56 9.68
N PHE G 133 -0.95 -1.58 10.55
CA PHE G 133 -2.25 -1.35 11.15
C PHE G 133 -2.78 0.00 10.67
N LYS G 134 -3.77 -0.04 9.78
CA LYS G 134 -4.44 1.19 9.36
C LYS G 134 -5.20 1.83 10.52
N LYS G 135 -5.83 1.01 11.35
CA LYS G 135 -6.59 1.49 12.50
C LYS G 135 -5.73 1.53 13.77
N PHE G 136 -4.63 2.28 13.71
CA PHE G 136 -3.64 2.21 14.79
C PHE G 136 -4.08 3.02 16.00
N ILE G 137 -4.42 4.28 15.82
CA ILE G 137 -4.79 5.15 16.93
C ILE G 137 -5.71 6.25 16.42
N ARG G 138 -6.73 6.56 17.22
CA ARG G 138 -7.62 7.70 16.97
C ARG G 138 -6.80 8.98 16.82
N ARG G 139 -7.05 9.72 15.74
CA ARG G 139 -6.31 10.95 15.49
C ARG G 139 -6.64 12.03 16.52
N ASP G 140 -7.91 12.11 16.92
CA ASP G 140 -8.29 13.06 17.97
C ASP G 140 -7.67 12.69 19.31
N PHE G 141 -7.53 11.38 19.58
CA PHE G 141 -6.83 10.92 20.76
C PHE G 141 -5.36 11.36 20.72
N LEU G 142 -4.73 11.23 19.55
CA LEU G 142 -3.33 11.63 19.40
C LEU G 142 -3.14 13.13 19.56
N LEU G 143 -4.05 13.93 18.99
CA LEU G 143 -3.90 15.38 19.00
C LEU G 143 -4.33 16.03 20.31
N ASP G 144 -4.97 15.28 21.21
CA ASP G 144 -5.39 15.85 22.48
C ASP G 144 -4.16 16.04 23.35
N GLU G 145 -4.16 17.10 24.17
CA GLU G 145 -2.99 17.42 24.99
C GLU G 145 -3.02 16.71 26.33
N ALA G 146 -4.20 16.36 26.84
CA ALA G 146 -4.31 15.81 28.19
C ALA G 146 -3.62 14.46 28.31
N ASN G 147 -3.81 13.58 27.33
CA ASN G 147 -3.15 12.28 27.37
C ASN G 147 -1.66 12.40 27.06
N GLY G 148 -1.28 13.40 26.27
CA GLY G 148 0.13 13.68 26.03
C GLY G 148 0.87 12.66 25.22
N LEU G 149 0.26 12.12 24.16
CA LEU G 149 0.97 11.24 23.23
C LEU G 149 1.82 12.02 22.24
N LEU G 150 1.71 13.34 22.21
CA LEU G 150 2.49 14.19 21.30
C LEU G 150 3.17 15.30 22.12
N PRO G 151 4.18 14.95 22.92
CA PRO G 151 4.82 15.96 23.77
C PRO G 151 5.79 16.82 22.97
N ASP G 152 5.64 18.14 23.09
CA ASP G 152 6.46 19.13 22.38
C ASP G 152 6.45 18.89 20.87
N ASP G 153 5.29 18.50 20.34
CA ASP G 153 5.08 18.22 18.91
C ASP G 153 6.02 17.12 18.42
N LYS G 154 6.31 16.14 19.27
CA LYS G 154 7.18 15.02 18.92
C LYS G 154 6.36 13.74 18.95
N LEU G 155 6.46 12.95 17.88
CA LEU G 155 5.82 11.64 17.81
C LEU G 155 6.90 10.57 17.84
N THR G 156 6.92 9.75 18.89
CA THR G 156 7.91 8.72 19.07
C THR G 156 7.24 7.35 18.96
N LEU G 157 7.59 6.60 17.91
CA LEU G 157 7.06 5.26 17.69
C LEU G 157 8.15 4.24 17.96
N PHE G 158 7.84 3.25 18.79
CA PHE G 158 8.75 2.16 19.12
C PHE G 158 8.21 0.88 18.48
N CYS G 159 9.01 0.29 17.60
CA CYS G 159 8.61 -0.88 16.83
C CYS G 159 9.57 -2.03 17.11
N GLU G 160 9.02 -3.16 17.50
CA GLU G 160 9.81 -4.37 17.81
C GLU G 160 9.37 -5.47 16.86
N VAL G 161 10.33 -6.04 16.13
CA VAL G 161 10.09 -7.06 15.12
C VAL G 161 10.82 -8.34 15.51
N SER G 162 10.08 -9.44 15.56
CA SER G 162 10.65 -10.75 15.82
C SER G 162 10.54 -11.61 14.56
N VAL G 163 11.68 -11.99 14.00
CA VAL G 163 11.75 -12.77 12.77
C VAL G 163 12.01 -14.22 13.17
N VAL G 164 11.14 -15.13 12.68
CA VAL G 164 11.30 -16.55 12.99
C VAL G 164 12.10 -17.22 11.88
N GLN G 165 12.95 -18.17 12.29
CA GLN G 165 13.82 -18.89 11.37
C GLN G 165 13.42 -20.36 11.33
N ASP G 166 14.18 -21.14 10.58
CA ASP G 166 13.92 -22.57 10.47
C ASP G 166 14.33 -23.29 11.75
N SER G 167 13.60 -24.35 12.07
CA SER G 167 13.88 -25.11 13.28
C SER G 167 15.09 -26.02 13.07
N VAL G 168 15.80 -26.30 14.17
CA VAL G 168 16.96 -27.18 14.14
C VAL G 168 16.87 -28.13 15.32
N ASN G 169 17.15 -29.42 15.08
CA ASN G 169 17.11 -30.45 16.10
C ASN G 169 18.53 -30.92 16.38
N ILE G 170 18.91 -30.92 17.65
CA ILE G 170 20.29 -31.27 18.00
C ILE G 170 20.45 -32.77 18.23
N SER G 171 19.36 -33.44 18.63
CA SER G 171 19.28 -34.91 18.65
C SER G 171 20.34 -35.54 19.55
N GLY G 172 20.29 -35.24 20.84
CA GLY G 172 21.24 -35.84 21.77
C GLY G 172 20.69 -37.11 22.39
N GLN G 173 21.48 -38.18 22.30
CA GLN G 173 21.08 -39.49 22.80
C GLN G 173 21.76 -39.74 24.14
N ASN G 174 20.96 -40.06 25.16
CA ASN G 174 21.49 -40.31 26.49
C ASN G 174 21.86 -41.77 26.66
N THR G 175 22.39 -42.09 27.84
CA THR G 175 22.81 -43.46 28.15
C THR G 175 21.60 -44.38 28.31
N GLY H 16 -9.93 -41.80 -22.77
CA GLY H 16 -8.86 -42.58 -22.18
C GLY H 16 -7.59 -41.78 -21.96
N PRO H 17 -7.41 -41.26 -20.74
CA PRO H 17 -6.21 -40.48 -20.46
C PRO H 17 -4.96 -41.35 -20.40
N VAL H 18 -3.82 -40.72 -20.67
CA VAL H 18 -2.52 -41.38 -20.68
C VAL H 18 -1.66 -40.78 -19.58
N ALA H 19 -0.78 -41.60 -19.01
CA ALA H 19 0.06 -41.20 -17.89
C ALA H 19 1.53 -41.41 -18.22
N GLU H 20 2.39 -40.69 -17.49
CA GLU H 20 3.83 -40.81 -17.73
C GLU H 20 4.46 -41.90 -16.87
N SER H 21 3.90 -42.15 -15.70
CA SER H 21 4.41 -43.15 -14.78
C SER H 21 3.30 -44.11 -14.38
N TRP H 22 3.62 -45.41 -14.33
CA TRP H 22 2.66 -46.43 -13.96
C TRP H 22 3.13 -47.14 -12.70
N CYS H 23 2.22 -47.91 -12.10
CA CYS H 23 2.51 -48.74 -10.94
C CYS H 23 1.45 -49.82 -10.85
N TYR H 24 1.83 -51.07 -11.06
CA TYR H 24 0.91 -52.19 -11.06
C TYR H 24 1.12 -52.96 -9.76
N THR H 25 0.37 -52.59 -8.73
CA THR H 25 0.45 -53.29 -7.45
C THR H 25 -0.37 -54.57 -7.52
N GLN H 26 0.27 -55.70 -7.26
CA GLN H 26 -0.36 -57.01 -7.35
C GLN H 26 -0.41 -57.62 -5.96
N ILE H 27 -1.59 -58.11 -5.57
CA ILE H 27 -1.80 -58.75 -4.27
C ILE H 27 -2.00 -60.24 -4.51
N LYS H 28 -1.19 -61.05 -3.83
CA LYS H 28 -1.24 -62.49 -4.04
C LYS H 28 -2.46 -63.11 -3.38
N VAL H 29 -2.82 -64.30 -3.84
CA VAL H 29 -3.94 -65.04 -3.27
C VAL H 29 -3.54 -66.49 -3.00
N SER H 167 1.95 -57.92 -1.45
CA SER H 167 1.77 -56.75 -2.30
C SER H 167 3.11 -56.22 -2.78
N VAL H 168 3.36 -56.38 -4.08
CA VAL H 168 4.59 -55.90 -4.71
C VAL H 168 4.21 -54.86 -5.77
N ASN H 169 5.09 -53.91 -6.02
CA ASN H 169 4.85 -52.84 -6.98
C ASN H 169 5.76 -53.06 -8.19
N ILE H 170 5.15 -53.26 -9.35
CA ILE H 170 5.93 -53.43 -10.58
C ILE H 170 6.57 -52.11 -10.99
N SER H 171 5.82 -51.01 -10.91
CA SER H 171 6.28 -49.67 -11.30
C SER H 171 6.75 -49.63 -12.75
N GLY H 172 5.89 -50.08 -13.66
CA GLY H 172 6.20 -50.07 -15.07
C GLY H 172 6.12 -48.69 -15.69
N GLN H 173 7.07 -47.83 -15.33
CA GLN H 173 7.06 -46.46 -15.79
C GLN H 173 7.28 -46.38 -17.30
N ASN H 174 6.52 -45.50 -17.95
CA ASN H 174 6.65 -45.31 -19.38
C ASN H 174 7.98 -44.61 -19.65
N THR H 175 8.82 -45.24 -20.46
CA THR H 175 10.13 -44.70 -20.82
C THR H 175 9.99 -43.49 -21.75
#